data_4MLY
#
_entry.id   4MLY
#
_cell.length_a   54.580
_cell.length_b   110.460
_cell.length_c   74.100
_cell.angle_alpha   90.00
_cell.angle_beta   93.10
_cell.angle_gamma   90.00
#
_symmetry.space_group_name_H-M   'P 1 21 1'
#
loop_
_entity.id
_entity.type
_entity.pdbx_description
1 polymer DsbP
2 non-polymer 1,3-BUTANEDIOL
3 water water
#
_entity_poly.entity_id   1
_entity_poly.type   'polypeptide(L)'
_entity_poly.pdbx_seq_one_letter_code
;SNASSKLEITDPRAAKIEDIVELPIKGVRAVQSDGQIMFLSENGRFVISGQIYDLWSKKPLNTMSQMRDVAERIHFKSMG
MDVDTLNTVSMGRGDKEVVVFVDPRCAVCHQLMGDAKSLVDDYTFKFIVIPALGAESNRLAKNLYCAKDKTHALDALMNN
TLGSLPSKETCDPGQYDQTLLTAHFIGIEGVPFVVAPDGRVSKGRPKNLKSWLESAE
;
_entity_poly.pdbx_strand_id   A,B,C,D
#
loop_
_chem_comp.id
_chem_comp.type
_chem_comp.name
_chem_comp.formula
BU2 non-polymer 1,3-BUTANEDIOL 'C4 H10 O2'
#
# COMPACT_ATOMS: atom_id res chain seq x y z
N ALA A 15 -30.75 4.32 -2.93
CA ALA A 15 -30.43 4.09 -1.51
C ALA A 15 -28.97 4.45 -1.19
N LYS A 16 -28.80 5.18 -0.09
CA LYS A 16 -27.55 5.84 0.28
C LYS A 16 -26.53 5.12 1.21
N ILE A 17 -25.25 5.47 1.03
CA ILE A 17 -24.20 5.26 2.02
C ILE A 17 -24.26 6.45 3.00
N GLU A 18 -24.49 6.14 4.30
CA GLU A 18 -24.73 7.14 5.35
C GLU A 18 -23.47 7.46 6.18
N ASP A 19 -22.48 6.57 6.13
CA ASP A 19 -21.31 6.73 6.97
C ASP A 19 -20.25 5.86 6.39
N ILE A 20 -18.99 6.32 6.51
CA ILE A 20 -17.83 5.63 5.94
C ILE A 20 -16.63 5.68 6.89
N VAL A 21 -15.98 4.55 7.09
CA VAL A 21 -14.77 4.55 7.92
C VAL A 21 -13.71 3.71 7.23
N GLU A 22 -12.55 4.32 6.99
CA GLU A 22 -11.42 3.57 6.45
C GLU A 22 -10.85 2.66 7.55
N LEU A 23 -10.77 1.34 7.29
CA LEU A 23 -10.23 0.41 8.28
C LEU A 23 -8.68 0.22 8.06
N PRO A 24 -7.94 -0.11 9.14
CA PRO A 24 -6.49 -0.37 9.01
C PRO A 24 -6.27 -1.78 8.46
N ILE A 25 -6.52 -1.88 7.17
CA ILE A 25 -6.40 -3.10 6.37
C ILE A 25 -5.73 -2.77 5.04
N LYS A 26 -4.63 -3.48 4.73
CA LYS A 26 -3.82 -3.24 3.55
C LYS A 26 -3.82 -4.45 2.61
N GLY A 27 -4.41 -5.57 3.00
CA GLY A 27 -4.58 -6.72 2.11
C GLY A 27 -5.63 -7.65 2.72
N VAL A 28 -6.25 -8.45 1.87
CA VAL A 28 -7.21 -9.45 2.26
C VAL A 28 -6.92 -10.76 1.56
N ARG A 29 -6.97 -11.86 2.33
CA ARG A 29 -6.93 -13.20 1.77
C ARG A 29 -8.22 -14.01 2.05
N ALA A 30 -8.69 -14.72 1.02
CA ALA A 30 -9.74 -15.72 1.14
C ALA A 30 -9.16 -17.03 1.66
N VAL A 31 -9.72 -17.60 2.73
CA VAL A 31 -9.23 -18.88 3.27
C VAL A 31 -10.37 -19.86 3.41
N GLN A 32 -10.12 -21.10 2.98
CA GLN A 32 -11.11 -22.11 2.95
C GLN A 32 -10.74 -23.18 3.94
N SER A 33 -11.66 -23.46 4.86
CA SER A 33 -11.55 -24.54 5.85
C SER A 33 -12.88 -25.31 6.10
N ASP A 34 -12.88 -26.62 5.90
CA ASP A 34 -14.09 -27.41 6.11
C ASP A 34 -15.30 -26.79 5.44
N GLY A 35 -15.20 -26.45 4.16
CA GLY A 35 -16.36 -25.99 3.46
C GLY A 35 -16.63 -24.50 3.54
N GLN A 36 -16.18 -23.84 4.59
CA GLN A 36 -16.47 -22.41 4.71
C GLN A 36 -15.30 -21.52 4.24
N ILE A 37 -15.64 -20.47 3.49
CA ILE A 37 -14.70 -19.49 3.01
C ILE A 37 -14.86 -18.20 3.79
N MET A 38 -13.77 -17.75 4.43
CA MET A 38 -13.70 -16.53 5.22
C MET A 38 -12.63 -15.59 4.65
N PHE A 39 -12.63 -14.34 5.13
CA PHE A 39 -11.72 -13.33 4.64
C PHE A 39 -10.91 -12.79 5.81
N LEU A 40 -9.59 -12.92 5.69
CA LEU A 40 -8.62 -12.55 6.70
C LEU A 40 -7.82 -11.36 6.19
N SER A 41 -7.64 -10.34 7.04
CA SER A 41 -6.77 -9.25 6.61
C SER A 41 -5.34 -9.82 6.62
N GLU A 42 -4.49 -9.21 5.80
CA GLU A 42 -3.17 -9.76 5.47
C GLU A 42 -2.28 -9.92 6.69
N ASN A 43 -2.38 -9.07 7.68
CA ASN A 43 -1.63 -9.27 8.90
C ASN A 43 -2.34 -10.10 10.05
N GLY A 44 -3.50 -10.69 9.76
CA GLY A 44 -4.17 -11.54 10.74
C GLY A 44 -4.99 -10.85 11.82
N ARG A 45 -5.14 -9.53 11.71
CA ARG A 45 -5.92 -8.80 12.69
C ARG A 45 -7.46 -9.01 12.60
N PHE A 46 -8.01 -9.07 11.39
CA PHE A 46 -9.45 -9.10 11.21
C PHE A 46 -9.85 -10.34 10.49
N VAL A 47 -10.99 -10.89 10.87
CA VAL A 47 -11.63 -11.94 10.08
C VAL A 47 -13.03 -11.49 9.76
N ILE A 48 -13.35 -11.57 8.49
CA ILE A 48 -14.69 -11.27 8.01
C ILE A 48 -15.35 -12.56 7.56
N SER A 49 -16.45 -12.90 8.25
CA SER A 49 -17.34 -14.05 7.92
C SER A 49 -18.46 -13.52 7.09
N GLY A 50 -18.65 -14.06 5.88
CA GLY A 50 -19.64 -13.56 4.94
C GLY A 50 -19.40 -13.91 3.47
N GLN A 51 -19.83 -13.02 2.58
CA GLN A 51 -19.89 -13.26 1.13
C GLN A 51 -19.24 -12.08 0.36
N ILE A 52 -18.34 -12.35 -0.59
CA ILE A 52 -17.73 -11.28 -1.37
C ILE A 52 -18.39 -11.22 -2.75
N TYR A 53 -18.61 -9.98 -3.19
CA TYR A 53 -19.19 -9.74 -4.47
C TYR A 53 -18.29 -8.85 -5.35
N ASP A 54 -18.13 -9.25 -6.61
CA ASP A 54 -17.39 -8.47 -7.59
C ASP A 54 -18.39 -7.52 -8.27
N LEU A 55 -18.43 -6.28 -7.81
CA LEU A 55 -19.36 -5.27 -8.31
C LEU A 55 -19.10 -4.88 -9.75
N TRP A 56 -17.86 -5.00 -10.23
CA TRP A 56 -17.56 -4.64 -11.62
C TRP A 56 -18.03 -5.73 -12.58
N SER A 57 -17.90 -6.99 -12.18
CA SER A 57 -18.36 -8.08 -13.02
C SER A 57 -19.83 -8.43 -12.72
N LYS A 58 -20.40 -7.77 -11.72
CA LYS A 58 -21.75 -8.04 -11.24
C LYS A 58 -21.92 -9.53 -11.01
N LYS A 59 -21.04 -10.11 -10.19
CA LYS A 59 -21.23 -11.49 -9.83
C LYS A 59 -20.73 -11.82 -8.43
N PRO A 60 -21.45 -12.68 -7.74
CA PRO A 60 -20.92 -13.15 -6.46
C PRO A 60 -19.68 -14.04 -6.69
N LEU A 61 -18.74 -14.05 -5.74
CA LEU A 61 -17.63 -15.00 -5.80
C LEU A 61 -17.88 -16.00 -4.65
N ASN A 62 -18.07 -17.26 -5.01
CA ASN A 62 -18.55 -18.22 -4.02
C ASN A 62 -17.63 -19.40 -3.86
N THR A 63 -16.71 -19.56 -4.81
CA THR A 63 -15.72 -20.64 -4.75
C THR A 63 -14.32 -20.07 -4.72
N MET A 64 -13.38 -20.89 -4.26
CA MET A 64 -11.96 -20.50 -4.27
C MET A 64 -11.43 -20.32 -5.73
N SER A 65 -12.03 -21.06 -6.65
CA SER A 65 -11.70 -20.97 -8.08
C SER A 65 -12.10 -19.62 -8.64
N GLN A 66 -13.25 -19.11 -8.21
CA GLN A 66 -13.58 -17.74 -8.62
C GLN A 66 -12.68 -16.71 -7.93
N MET A 67 -12.22 -17.01 -6.71
CA MET A 67 -11.32 -16.09 -5.99
C MET A 67 -10.02 -15.92 -6.78
N ARG A 68 -9.50 -17.08 -7.19
CA ARG A 68 -8.25 -17.20 -7.89
C ARG A 68 -8.37 -16.50 -9.22
N ASP A 69 -9.55 -16.58 -9.81
CA ASP A 69 -9.79 -15.92 -11.09
C ASP A 69 -9.59 -14.45 -10.96
N VAL A 70 -10.08 -13.81 -9.87
CA VAL A 70 -9.96 -12.35 -9.80
C VAL A 70 -8.57 -11.92 -9.38
N ALA A 71 -7.81 -12.81 -8.73
CA ALA A 71 -6.41 -12.51 -8.40
C ALA A 71 -5.46 -12.65 -9.60
N GLU A 72 -5.77 -13.56 -10.52
CA GLU A 72 -4.82 -14.00 -11.56
C GLU A 72 -5.19 -13.56 -12.96
N ARG A 73 -6.45 -13.17 -13.15
CA ARG A 73 -7.00 -12.93 -14.45
C ARG A 73 -7.80 -11.63 -14.53
N ILE A 74 -7.87 -11.10 -15.74
CA ILE A 74 -8.64 -9.93 -16.06
C ILE A 74 -9.50 -10.23 -17.27
N HIS A 75 -10.80 -10.00 -17.15
CA HIS A 75 -11.74 -10.29 -18.22
C HIS A 75 -12.41 -8.95 -18.59
N PHE A 76 -11.86 -8.23 -19.57
CA PHE A 76 -12.27 -6.84 -19.78
C PHE A 76 -13.75 -6.69 -20.11
N LYS A 77 -14.24 -7.48 -21.03
CA LYS A 77 -15.63 -7.32 -21.43
C LYS A 77 -16.52 -7.69 -20.26
N SER A 78 -16.17 -8.73 -19.51
CA SER A 78 -16.95 -9.05 -18.30
C SER A 78 -17.03 -7.91 -17.30
N MET A 79 -16.05 -7.01 -17.31
CA MET A 79 -16.05 -5.91 -16.37
C MET A 79 -16.60 -4.62 -16.96
N GLY A 80 -17.14 -4.73 -18.16
CA GLY A 80 -17.74 -3.59 -18.84
C GLY A 80 -16.75 -2.64 -19.49
N MET A 81 -15.61 -3.17 -19.88
CA MET A 81 -14.54 -2.38 -20.50
C MET A 81 -14.31 -2.79 -21.90
N ASP A 82 -14.48 -1.83 -22.78
CA ASP A 82 -14.12 -2.00 -24.17
C ASP A 82 -12.73 -1.37 -24.41
N VAL A 83 -11.71 -2.22 -24.58
CA VAL A 83 -10.34 -1.71 -24.68
C VAL A 83 -10.09 -0.94 -25.98
N ASP A 84 -10.97 -1.08 -26.97
CA ASP A 84 -10.79 -0.36 -28.21
C ASP A 84 -11.09 1.16 -27.99
N THR A 85 -11.75 1.49 -26.90
CA THR A 85 -12.07 2.88 -26.57
C THR A 85 -10.94 3.60 -25.82
N LEU A 86 -9.89 2.86 -25.47
CA LEU A 86 -8.74 3.46 -24.81
C LEU A 86 -7.77 3.90 -25.90
N ASN A 87 -6.58 4.35 -25.51
CA ASN A 87 -5.63 4.81 -26.50
C ASN A 87 -4.98 3.54 -27.08
N THR A 88 -5.72 2.91 -28.00
CA THR A 88 -5.47 1.54 -28.37
C THR A 88 -5.24 1.44 -29.85
N VAL A 89 -4.30 0.60 -30.29
CA VAL A 89 -4.09 0.30 -31.70
C VAL A 89 -3.97 -1.18 -31.84
N SER A 90 -4.48 -1.69 -32.95
CA SER A 90 -4.70 -3.12 -33.14
C SER A 90 -3.75 -3.68 -34.20
N MET A 91 -3.33 -4.90 -33.99
CA MET A 91 -2.44 -5.57 -34.93
C MET A 91 -2.76 -7.04 -35.01
N GLY A 92 -2.99 -7.53 -36.23
CA GLY A 92 -3.18 -8.96 -36.44
C GLY A 92 -4.59 -9.40 -36.82
N ARG A 93 -4.74 -10.70 -37.05
CA ARG A 93 -5.96 -11.28 -37.62
C ARG A 93 -6.62 -12.41 -36.86
N GLY A 94 -5.96 -12.93 -35.86
CA GLY A 94 -6.50 -14.05 -35.09
C GLY A 94 -7.82 -13.84 -34.36
N ASP A 95 -8.62 -14.88 -34.16
CA ASP A 95 -9.87 -14.71 -33.40
C ASP A 95 -9.59 -14.88 -31.86
N LYS A 96 -8.33 -14.92 -31.45
CA LYS A 96 -7.92 -14.88 -30.02
C LYS A 96 -7.30 -13.52 -29.71
N GLU A 97 -7.88 -12.81 -28.74
CA GLU A 97 -7.47 -11.44 -28.40
C GLU A 97 -6.41 -11.37 -27.29
N VAL A 98 -5.35 -10.60 -27.57
CA VAL A 98 -4.24 -10.38 -26.63
C VAL A 98 -4.15 -8.88 -26.35
N VAL A 99 -4.14 -8.51 -25.06
CA VAL A 99 -4.09 -7.10 -24.67
C VAL A 99 -2.70 -6.83 -24.01
N VAL A 100 -2.05 -5.77 -24.46
CA VAL A 100 -0.73 -5.42 -23.94
C VAL A 100 -0.75 -3.94 -23.64
N PHE A 101 -0.63 -3.59 -22.37
CA PHE A 101 -0.41 -2.18 -22.01
C PHE A 101 1.05 -1.82 -22.24
N VAL A 102 1.30 -0.74 -22.95
CA VAL A 102 2.67 -0.35 -23.29
C VAL A 102 2.92 1.14 -23.09
N ASP A 103 4.16 1.48 -22.79
CA ASP A 103 4.62 2.85 -22.82
C ASP A 103 5.39 3.07 -24.09
N PRO A 104 5.19 4.20 -24.74
CA PRO A 104 5.89 4.48 -26.00
C PRO A 104 7.41 4.48 -25.91
N ARG A 105 8.00 4.68 -24.71
CA ARG A 105 9.47 4.75 -24.57
C ARG A 105 10.09 3.50 -23.97
N CYS A 106 9.22 2.52 -23.70
CA CYS A 106 9.61 1.25 -23.09
C CYS A 106 10.17 0.26 -24.12
N ALA A 107 11.44 -0.10 -23.97
CA ALA A 107 12.15 -0.83 -25.01
C ALA A 107 11.77 -2.29 -25.01
N VAL A 108 11.52 -2.82 -23.81
CA VAL A 108 10.99 -4.19 -23.65
C VAL A 108 9.57 -4.29 -24.23
N CYS A 109 8.78 -3.22 -24.12
CA CYS A 109 7.48 -3.18 -24.79
C CYS A 109 7.71 -3.25 -26.30
N HIS A 110 8.68 -2.49 -26.81
CA HIS A 110 8.96 -2.51 -28.25
C HIS A 110 9.38 -3.89 -28.71
N GLN A 111 10.26 -4.52 -27.95
CA GLN A 111 10.67 -5.87 -28.28
C GLN A 111 9.48 -6.80 -28.27
N LEU A 112 8.63 -6.70 -27.24
CA LEU A 112 7.47 -7.59 -27.16
C LEU A 112 6.62 -7.43 -28.42
N MET A 113 6.42 -6.19 -28.83
CA MET A 113 5.58 -5.89 -29.99
C MET A 113 6.21 -6.50 -31.26
N GLY A 114 7.55 -6.52 -31.30
CA GLY A 114 8.23 -7.17 -32.39
C GLY A 114 7.97 -8.68 -32.42
N ASP A 115 8.09 -9.35 -31.28
CA ASP A 115 7.69 -10.77 -31.22
C ASP A 115 6.24 -11.04 -31.68
N ALA A 116 5.33 -10.11 -31.39
CA ALA A 116 3.90 -10.33 -31.70
C ALA A 116 3.68 -10.35 -33.21
N LYS A 117 4.58 -9.70 -33.95
CA LYS A 117 4.47 -9.64 -35.43
C LYS A 117 4.49 -11.06 -36.01
N SER A 118 5.16 -12.01 -35.36
CA SER A 118 5.24 -13.33 -35.98
C SER A 118 3.95 -14.11 -35.71
N LEU A 119 3.07 -13.53 -34.88
CA LEU A 119 1.90 -14.25 -34.37
C LEU A 119 0.55 -13.69 -34.85
N VAL A 120 0.60 -12.78 -35.82
CA VAL A 120 -0.58 -12.05 -36.27
C VAL A 120 -1.63 -12.90 -36.96
N ASP A 121 -1.26 -14.11 -37.40
CA ASP A 121 -2.25 -15.00 -37.99
C ASP A 121 -3.15 -15.64 -36.92
N ASP A 122 -2.63 -15.90 -35.74
CA ASP A 122 -3.41 -16.61 -34.72
C ASP A 122 -3.96 -15.67 -33.65
N TYR A 123 -3.37 -14.49 -33.53
CA TYR A 123 -3.88 -13.55 -32.52
C TYR A 123 -4.17 -12.18 -33.14
N THR A 124 -5.07 -11.45 -32.49
CA THR A 124 -5.19 -10.01 -32.68
C THR A 124 -4.69 -9.33 -31.40
N PHE A 125 -3.69 -8.47 -31.56
CA PHE A 125 -3.09 -7.76 -30.44
C PHE A 125 -3.70 -6.39 -30.29
N LYS A 126 -4.05 -6.06 -29.05
CA LYS A 126 -4.53 -4.73 -28.70
C LYS A 126 -3.47 -4.02 -27.89
N PHE A 127 -2.72 -3.12 -28.54
CA PHE A 127 -1.69 -2.37 -27.84
C PHE A 127 -2.33 -1.10 -27.26
N ILE A 128 -2.37 -1.05 -25.93
CA ILE A 128 -2.96 0.05 -25.22
C ILE A 128 -1.81 0.93 -24.69
N VAL A 129 -1.70 2.12 -25.22
CA VAL A 129 -0.56 2.96 -24.94
C VAL A 129 -0.80 3.78 -23.66
N ILE A 130 0.06 3.58 -22.68
CA ILE A 130 0.00 4.39 -21.47
C ILE A 130 1.33 5.00 -21.13
N PRO A 131 1.28 6.30 -20.75
CA PRO A 131 2.51 7.03 -20.37
C PRO A 131 2.79 6.82 -18.88
N ALA A 132 3.43 5.69 -18.59
CA ALA A 132 3.67 5.23 -17.24
C ALA A 132 5.01 5.75 -16.81
N LEU A 133 5.78 6.24 -17.79
CA LEU A 133 7.17 6.66 -17.61
C LEU A 133 7.41 8.16 -17.82
N GLY A 134 6.38 8.98 -17.77
CA GLY A 134 6.55 10.42 -17.68
C GLY A 134 5.97 11.35 -18.74
N ALA A 135 6.41 12.60 -18.66
CA ALA A 135 5.81 13.73 -19.38
C ALA A 135 6.09 13.63 -20.86
N GLU A 136 7.26 13.10 -21.19
CA GLU A 136 7.57 12.84 -22.59
CA GLU A 136 7.57 12.84 -22.59
C GLU A 136 6.77 11.64 -23.09
N SER A 137 6.61 10.63 -22.25
CA SER A 137 5.76 9.51 -22.66
C SER A 137 4.34 10.02 -22.91
N ASN A 138 3.88 10.94 -22.07
CA ASN A 138 2.60 11.62 -22.30
C ASN A 138 2.50 12.24 -23.67
N ARG A 139 3.58 12.91 -24.07
CA ARG A 139 3.62 13.65 -25.32
C ARG A 139 3.39 12.73 -26.53
N LEU A 140 4.15 11.64 -26.55
CA LEU A 140 4.11 10.64 -27.61
C LEU A 140 2.77 9.91 -27.61
N ALA A 141 2.28 9.61 -26.42
CA ALA A 141 1.00 8.91 -26.28
C ALA A 141 -0.12 9.82 -26.74
N LYS A 142 0.03 11.10 -26.40
CA LYS A 142 -0.95 12.12 -26.73
C LYS A 142 -1.01 12.34 -28.24
N ASN A 143 0.16 12.32 -28.89
CA ASN A 143 0.18 12.44 -30.34
C ASN A 143 -0.53 11.28 -31.02
N LEU A 144 -0.20 10.07 -30.57
CA LEU A 144 -0.75 8.86 -31.15
C LEU A 144 -2.27 8.88 -31.05
N TYR A 145 -2.74 9.43 -29.94
CA TYR A 145 -4.17 9.53 -29.68
C TYR A 145 -4.87 10.34 -30.79
N CYS A 146 -4.18 11.35 -31.33
CA CYS A 146 -4.72 12.29 -32.31
C CYS A 146 -4.37 11.93 -33.80
N ALA A 147 -3.93 10.69 -34.03
CA ALA A 147 -3.50 10.24 -35.36
C ALA A 147 -4.59 10.27 -36.42
N LYS A 148 -4.26 10.81 -37.60
CA LYS A 148 -5.14 10.76 -38.75
C LYS A 148 -5.43 9.31 -39.14
N ASP A 149 -4.35 8.51 -39.14
CA ASP A 149 -4.37 7.15 -39.65
C ASP A 149 -3.72 6.24 -38.62
N LYS A 150 -4.51 5.33 -38.04
CA LYS A 150 -4.01 4.57 -36.92
C LYS A 150 -3.20 3.35 -37.36
N THR A 151 -3.19 3.09 -38.67
CA THR A 151 -2.35 2.05 -39.27
C THR A 151 -0.89 2.52 -39.19
N HIS A 152 -0.71 3.83 -39.42
CA HIS A 152 0.63 4.41 -39.41
C HIS A 152 1.00 4.60 -37.94
N ALA A 153 0.01 4.98 -37.12
CA ALA A 153 0.13 5.09 -35.66
C ALA A 153 0.74 3.82 -35.08
N LEU A 154 0.17 2.69 -35.50
CA LEU A 154 0.70 1.39 -35.10
C LEU A 154 2.17 1.30 -35.47
N ASP A 155 2.46 1.67 -36.70
CA ASP A 155 3.81 1.55 -37.21
C ASP A 155 4.70 2.54 -36.43
N ALA A 156 4.21 3.76 -36.22
CA ALA A 156 4.93 4.78 -35.45
C ALA A 156 5.22 4.34 -34.01
N LEU A 157 4.25 3.68 -33.41
CA LEU A 157 4.35 3.20 -32.04
C LEU A 157 5.50 2.22 -31.96
N MET A 158 5.54 1.29 -32.90
CA MET A 158 6.50 0.19 -32.83
C MET A 158 7.92 0.69 -33.11
N ASN A 159 8.07 1.76 -33.90
CA ASN A 159 9.39 2.28 -34.25
C ASN A 159 9.89 3.43 -33.37
N ASN A 160 9.11 3.84 -32.38
CA ASN A 160 9.47 4.96 -31.52
C ASN A 160 9.70 6.23 -32.39
N THR A 161 8.68 6.54 -33.21
CA THR A 161 8.68 7.69 -34.10
C THR A 161 7.40 8.51 -33.96
N LEU A 162 6.76 8.39 -32.80
CA LEU A 162 5.45 9.00 -32.52
C LEU A 162 5.30 10.53 -32.51
N GLY A 163 6.33 11.27 -32.18
CA GLY A 163 6.15 12.71 -32.07
C GLY A 163 5.87 13.49 -33.37
N SER A 164 6.21 12.91 -34.51
CA SER A 164 6.11 13.60 -35.80
C SER A 164 4.87 13.11 -36.53
N LEU A 165 3.84 12.86 -35.72
CA LEU A 165 2.57 12.32 -36.18
C LEU A 165 1.53 13.34 -36.64
N PRO A 166 0.97 13.18 -37.86
CA PRO A 166 -0.09 14.11 -38.26
C PRO A 166 -1.38 13.92 -37.43
N SER A 167 -1.96 15.04 -37.02
CA SER A 167 -3.04 15.04 -36.04
C SER A 167 -4.43 15.10 -36.67
N GLY A 174 -4.64 16.73 -22.60
CA GLY A 174 -4.56 16.92 -21.15
C GLY A 174 -3.33 16.26 -20.56
N GLN A 175 -2.76 16.87 -19.51
CA GLN A 175 -1.57 16.32 -18.86
C GLN A 175 -1.89 15.00 -18.17
N TYR A 176 -3.18 14.73 -17.94
CA TYR A 176 -3.59 13.52 -17.23
C TYR A 176 -4.37 12.55 -18.12
N ASP A 177 -3.59 11.66 -18.69
CA ASP A 177 -4.03 10.61 -19.59
C ASP A 177 -5.06 9.63 -18.99
N GLN A 178 -6.24 9.59 -19.61
CA GLN A 178 -7.35 8.73 -19.16
C GLN A 178 -6.99 7.23 -19.13
N THR A 179 -6.22 6.78 -20.13
CA THR A 179 -5.84 5.37 -20.21
C THR A 179 -4.90 5.14 -18.99
N LEU A 180 -4.06 6.11 -18.65
CA LEU A 180 -3.21 5.96 -17.47
C LEU A 180 -4.00 5.87 -16.21
N LEU A 181 -4.95 6.79 -16.06
CA LEU A 181 -5.82 6.90 -14.88
C LEU A 181 -6.62 5.60 -14.67
N THR A 182 -7.06 5.00 -15.77
CA THR A 182 -7.95 3.78 -15.72
C THR A 182 -7.16 2.56 -15.30
N ALA A 183 -6.02 2.38 -15.98
CA ALA A 183 -5.14 1.27 -15.71
C ALA A 183 -4.79 1.27 -14.24
N HIS A 184 -4.49 2.46 -13.71
CA HIS A 184 -4.05 2.64 -12.32
C HIS A 184 -5.15 2.29 -11.35
N PHE A 185 -6.35 2.77 -11.69
CA PHE A 185 -7.54 2.51 -10.89
C PHE A 185 -7.79 1.01 -10.79
N ILE A 186 -7.62 0.29 -11.90
CA ILE A 186 -7.98 -1.13 -11.86
C ILE A 186 -6.81 -2.02 -11.43
N GLY A 187 -5.64 -1.43 -11.22
CA GLY A 187 -4.51 -2.15 -10.65
C GLY A 187 -3.46 -2.65 -11.66
N ILE A 188 -3.45 -2.11 -12.88
CA ILE A 188 -2.39 -2.43 -13.81
C ILE A 188 -1.09 -1.82 -13.27
N GLU A 189 -0.07 -2.65 -13.15
CA GLU A 189 1.20 -2.21 -12.59
C GLU A 189 2.34 -2.63 -13.48
N GLY A 190 3.12 -1.62 -13.85
CA GLY A 190 4.30 -1.76 -14.70
C GLY A 190 3.96 -1.91 -16.16
N VAL A 191 4.96 -1.79 -17.01
CA VAL A 191 4.83 -2.10 -18.41
C VAL A 191 6.02 -2.98 -18.81
N PRO A 192 5.82 -3.89 -19.77
CA PRO A 192 4.55 -4.16 -20.40
C PRO A 192 3.65 -4.99 -19.48
N PHE A 193 2.34 -4.92 -19.70
CA PHE A 193 1.42 -5.72 -18.89
C PHE A 193 0.53 -6.44 -19.89
N VAL A 194 0.62 -7.75 -19.89
CA VAL A 194 0.01 -8.59 -20.92
C VAL A 194 -1.18 -9.35 -20.33
N VAL A 195 -2.28 -9.37 -21.06
CA VAL A 195 -3.43 -10.20 -20.75
C VAL A 195 -3.73 -11.20 -21.91
N ALA A 196 -3.59 -12.49 -21.61
CA ALA A 196 -3.86 -13.56 -22.57
C ALA A 196 -5.35 -13.65 -22.87
N PRO A 197 -5.71 -14.37 -23.96
CA PRO A 197 -7.11 -14.58 -24.36
C PRO A 197 -7.97 -15.15 -23.26
N ASP A 198 -7.42 -16.04 -22.43
CA ASP A 198 -8.15 -16.61 -21.31
C ASP A 198 -8.10 -15.70 -20.05
N GLY A 199 -7.50 -14.54 -20.15
CA GLY A 199 -7.50 -13.61 -19.01
C GLY A 199 -6.23 -13.61 -18.16
N ARG A 200 -5.38 -14.62 -18.33
CA ARG A 200 -4.16 -14.73 -17.53
C ARG A 200 -3.30 -13.47 -17.71
N VAL A 201 -2.69 -13.00 -16.63
CA VAL A 201 -1.91 -11.78 -16.70
C VAL A 201 -0.42 -12.07 -16.55
N SER A 202 0.36 -11.29 -17.28
CA SER A 202 1.80 -11.30 -17.12
C SER A 202 2.26 -9.92 -16.78
N LYS A 203 2.76 -9.74 -15.56
CA LYS A 203 3.39 -8.48 -15.17
C LYS A 203 4.80 -8.40 -15.70
N GLY A 204 4.96 -7.96 -16.94
CA GLY A 204 6.27 -7.95 -17.56
C GLY A 204 6.21 -8.79 -18.82
N ARG A 205 7.30 -8.76 -19.55
CA ARG A 205 7.41 -9.54 -20.77
C ARG A 205 7.65 -11.02 -20.45
N PRO A 206 6.78 -11.92 -20.95
CA PRO A 206 6.98 -13.36 -20.68
C PRO A 206 8.23 -13.89 -21.36
N LYS A 207 8.87 -14.94 -20.80
CA LYS A 207 10.06 -15.57 -21.42
C LYS A 207 9.81 -15.94 -22.87
N ASN A 208 8.69 -16.62 -23.10
CA ASN A 208 8.30 -17.00 -24.45
C ASN A 208 6.84 -16.67 -24.64
N LEU A 209 6.61 -15.67 -25.49
CA LEU A 209 5.31 -15.08 -25.65
C LEU A 209 4.40 -16.12 -26.21
N LYS A 210 4.83 -16.75 -27.31
CA LYS A 210 3.99 -17.74 -27.99
C LYS A 210 3.52 -18.83 -27.01
N SER A 211 4.48 -19.39 -26.26
CA SER A 211 4.14 -20.47 -25.34
C SER A 211 3.26 -20.00 -24.23
N TRP A 212 3.54 -18.79 -23.76
CA TRP A 212 2.77 -18.25 -22.66
C TRP A 212 1.29 -18.02 -23.04
N LEU A 213 1.06 -17.55 -24.26
CA LEU A 213 -0.29 -17.33 -24.74
C LEU A 213 -1.06 -18.64 -24.86
N GLU A 214 -0.36 -19.73 -25.16
CA GLU A 214 -1.04 -20.99 -25.34
C GLU A 214 -1.55 -21.54 -24.00
N SER A 215 -0.68 -21.63 -23.00
CA SER A 215 -1.10 -22.12 -21.69
C SER A 215 -0.18 -21.75 -20.53
N ALA A 216 -0.75 -21.81 -19.33
CA ALA A 216 -0.01 -21.70 -18.07
C ALA A 216 0.84 -22.95 -17.84
N ALA B 15 15.06 8.68 -27.10
CA ALA B 15 15.41 8.67 -25.68
C ALA B 15 14.73 7.51 -24.91
N LYS B 16 15.31 6.33 -25.04
CA LYS B 16 14.71 5.07 -24.63
C LYS B 16 14.84 4.69 -23.17
N ILE B 17 13.80 4.07 -22.61
CA ILE B 17 13.91 3.34 -21.33
C ILE B 17 14.13 1.84 -21.55
N GLU B 18 15.28 1.36 -21.13
CA GLU B 18 15.76 0.01 -21.47
C GLU B 18 15.40 -1.02 -20.44
N ASP B 19 15.08 -0.56 -19.25
CA ASP B 19 14.85 -1.48 -18.18
C ASP B 19 14.09 -0.81 -17.04
N ILE B 20 13.25 -1.61 -16.39
CA ILE B 20 12.41 -1.10 -15.34
C ILE B 20 12.36 -2.14 -14.24
N VAL B 21 12.55 -1.72 -12.99
CA VAL B 21 12.41 -2.64 -11.87
C VAL B 21 11.57 -2.01 -10.74
N GLU B 22 10.49 -2.72 -10.39
N GLU B 22 10.54 -2.75 -10.36
CA GLU B 22 9.62 -2.37 -9.27
CA GLU B 22 9.67 -2.34 -9.29
C GLU B 22 10.37 -2.73 -7.97
C GLU B 22 10.38 -2.72 -7.98
N LEU B 23 10.56 -1.75 -7.12
CA LEU B 23 11.33 -1.95 -5.87
C LEU B 23 10.41 -2.23 -4.69
N PRO B 24 10.90 -3.00 -3.69
CA PRO B 24 10.10 -3.30 -2.51
C PRO B 24 10.13 -2.12 -1.55
N ILE B 25 9.41 -1.09 -1.97
CA ILE B 25 9.29 0.18 -1.24
C ILE B 25 7.79 0.59 -1.24
N LYS B 26 7.22 0.80 -0.05
CA LYS B 26 5.78 1.11 0.10
C LYS B 26 5.52 2.51 0.60
N GLY B 27 6.59 3.21 0.98
CA GLY B 27 6.56 4.59 1.40
C GLY B 27 7.98 5.15 1.43
N VAL B 28 8.06 6.47 1.32
CA VAL B 28 9.32 7.25 1.37
C VAL B 28 9.11 8.47 2.28
N ARG B 29 10.08 8.69 3.19
CA ARG B 29 10.21 9.89 4.00
C ARG B 29 11.45 10.72 3.60
N ALA B 30 11.27 12.04 3.48
CA ALA B 30 12.39 12.93 3.39
C ALA B 30 12.90 13.26 4.82
N VAL B 31 14.21 13.06 5.06
CA VAL B 31 14.79 13.31 6.39
C VAL B 31 15.99 14.26 6.29
N GLN B 32 16.00 15.23 7.20
CA GLN B 32 16.98 16.28 7.19
C GLN B 32 17.95 16.15 8.34
N SER B 33 19.24 16.01 8.03
CA SER B 33 20.27 15.91 9.06
C SER B 33 21.52 16.64 8.64
N ASP B 34 21.95 17.58 9.48
CA ASP B 34 23.16 18.35 9.24
C ASP B 34 23.14 18.98 7.82
N GLY B 35 22.03 19.65 7.51
CA GLY B 35 21.89 20.40 6.28
C GLY B 35 21.40 19.64 5.05
N GLN B 36 21.64 18.33 4.98
CA GLN B 36 21.26 17.61 3.78
C GLN B 36 19.98 16.71 3.92
N ILE B 37 19.26 16.58 2.82
CA ILE B 37 18.01 15.86 2.81
C ILE B 37 18.22 14.55 2.10
N MET B 38 17.86 13.46 2.76
CA MET B 38 17.87 12.15 2.14
C MET B 38 16.47 11.55 2.19
N PHE B 39 16.30 10.47 1.45
CA PHE B 39 15.01 9.85 1.32
C PHE B 39 15.13 8.43 1.84
N LEU B 40 14.30 8.13 2.83
CA LEU B 40 14.34 6.85 3.53
C LEU B 40 13.04 6.11 3.22
N SER B 41 13.15 4.81 2.89
CA SER B 41 11.96 4.00 2.63
C SER B 41 11.34 3.83 3.99
N GLU B 42 10.03 3.62 4.03
CA GLU B 42 9.28 3.73 5.28
C GLU B 42 9.66 2.71 6.36
N ASN B 43 10.11 1.53 5.94
CA ASN B 43 10.56 0.50 6.90
C ASN B 43 12.12 0.62 7.18
N GLY B 44 12.76 1.66 6.67
CA GLY B 44 14.16 1.88 6.98
C GLY B 44 15.16 1.03 6.19
N ARG B 45 14.67 0.27 5.20
CA ARG B 45 15.54 -0.59 4.43
C ARG B 45 16.49 0.17 3.44
N PHE B 46 15.98 1.20 2.75
CA PHE B 46 16.71 1.90 1.71
C PHE B 46 16.92 3.35 2.02
N VAL B 47 18.10 3.85 1.63
CA VAL B 47 18.33 5.27 1.64
C VAL B 47 18.77 5.71 0.25
N ILE B 48 18.13 6.77 -0.22
CA ILE B 48 18.47 7.37 -1.49
C ILE B 48 19.02 8.75 -1.21
N SER B 49 20.27 8.97 -1.63
CA SER B 49 20.91 10.27 -1.66
C SER B 49 20.72 10.91 -3.00
N GLY B 50 20.21 12.12 -2.99
CA GLY B 50 19.96 12.77 -4.24
C GLY B 50 18.96 13.89 -4.18
N GLN B 51 18.28 14.04 -5.31
CA GLN B 51 17.45 15.19 -5.60
C GLN B 51 16.05 14.71 -6.05
N ILE B 52 15.00 15.19 -5.40
CA ILE B 52 13.65 14.85 -5.85
C ILE B 52 13.12 16.02 -6.72
N TYR B 53 12.49 15.63 -7.83
CA TYR B 53 11.87 16.54 -8.77
C TYR B 53 10.32 16.24 -8.86
N ASP B 54 9.51 17.29 -8.77
CA ASP B 54 8.04 17.14 -8.84
C ASP B 54 7.63 17.25 -10.31
N LEU B 55 7.35 16.12 -10.97
CA LEU B 55 7.09 16.20 -12.42
C LEU B 55 5.79 16.88 -12.75
N TRP B 56 4.80 16.85 -11.85
CA TRP B 56 3.51 17.49 -12.18
C TRP B 56 3.59 19.00 -12.11
N SER B 57 4.32 19.52 -11.13
CA SER B 57 4.48 20.97 -10.98
C SER B 57 5.70 21.44 -11.75
N LYS B 58 6.43 20.49 -12.32
CA LYS B 58 7.69 20.75 -13.02
C LYS B 58 8.64 21.62 -12.20
N LYS B 59 8.95 21.18 -10.99
CA LYS B 59 9.92 21.91 -10.18
C LYS B 59 10.70 20.96 -9.25
N PRO B 60 11.98 21.28 -9.04
CA PRO B 60 12.74 20.56 -8.02
C PRO B 60 12.30 20.97 -6.64
N LEU B 61 12.42 20.05 -5.71
CA LEU B 61 12.15 20.33 -4.32
C LEU B 61 13.48 20.33 -3.58
N ASN B 62 13.78 21.45 -2.92
CA ASN B 62 15.08 21.63 -2.33
C ASN B 62 15.05 21.79 -0.82
N THR B 63 13.92 22.20 -0.28
CA THR B 63 13.80 22.43 1.14
C THR B 63 12.76 21.55 1.77
N MET B 64 12.85 21.38 3.08
CA MET B 64 11.85 20.62 3.79
C MET B 64 10.48 21.30 3.71
N SER B 65 10.52 22.61 3.53
CA SER B 65 9.32 23.40 3.39
C SER B 65 8.58 22.97 2.09
N GLN B 66 9.29 22.72 1.01
CA GLN B 66 8.68 22.17 -0.20
C GLN B 66 8.23 20.72 -0.11
N MET B 67 8.97 19.93 0.68
CA MET B 67 8.61 18.54 0.94
C MET B 67 7.25 18.49 1.62
N ARG B 68 7.10 19.32 2.64
CA ARG B 68 5.88 19.39 3.40
C ARG B 68 4.75 19.87 2.55
N ASP B 69 5.05 20.77 1.61
CA ASP B 69 4.02 21.29 0.71
C ASP B 69 3.42 20.18 -0.16
N VAL B 70 4.22 19.23 -0.66
CA VAL B 70 3.62 18.21 -1.52
C VAL B 70 2.91 17.18 -0.66
N ALA B 71 3.28 17.09 0.61
CA ALA B 71 2.56 16.18 1.51
C ALA B 71 1.23 16.77 1.96
N GLU B 72 1.13 18.09 2.10
CA GLU B 72 0.01 18.66 2.79
C GLU B 72 -0.93 19.42 1.91
N ARG B 73 -0.46 19.80 0.71
CA ARG B 73 -1.20 20.75 -0.11
C ARG B 73 -1.33 20.31 -1.53
N ILE B 74 -2.35 20.87 -2.17
CA ILE B 74 -2.66 20.64 -3.58
C ILE B 74 -2.84 21.97 -4.30
N HIS B 75 -2.04 22.18 -5.35
CA HIS B 75 -2.03 23.41 -6.15
C HIS B 75 -2.37 23.01 -7.57
N PHE B 76 -3.67 23.02 -7.90
CA PHE B 76 -4.17 22.44 -9.14
C PHE B 76 -3.52 23.04 -10.36
N LYS B 77 -3.49 24.37 -10.41
CA LYS B 77 -2.95 25.04 -11.57
C LYS B 77 -1.46 24.85 -11.71
N SER B 78 -0.74 24.90 -10.59
CA SER B 78 0.68 24.61 -10.58
C SER B 78 0.93 23.23 -11.16
N MET B 79 -0.06 22.35 -11.04
CA MET B 79 0.12 20.99 -11.51
C MET B 79 -0.45 20.77 -12.90
N GLY B 80 -0.91 21.82 -13.54
CA GLY B 80 -1.47 21.67 -14.86
C GLY B 80 -2.86 21.01 -14.83
N MET B 81 -3.60 21.15 -13.72
CA MET B 81 -4.98 20.65 -13.67
CA MET B 81 -4.98 20.63 -13.68
C MET B 81 -5.97 21.79 -13.70
N ASP B 82 -6.83 21.79 -14.72
CA ASP B 82 -7.94 22.72 -14.81
C ASP B 82 -9.22 22.02 -14.29
N VAL B 83 -9.67 22.42 -13.11
CA VAL B 83 -10.78 21.73 -12.43
C VAL B 83 -12.14 21.90 -13.17
N ASP B 84 -12.22 22.89 -14.04
CA ASP B 84 -13.42 23.10 -14.84
C ASP B 84 -13.64 22.05 -15.93
N THR B 85 -12.61 21.28 -16.27
CA THR B 85 -12.74 20.25 -17.30
C THR B 85 -13.33 18.99 -16.69
N LEU B 86 -13.34 18.96 -15.37
CA LEU B 86 -13.91 17.84 -14.65
C LEU B 86 -15.41 18.12 -14.43
N ASN B 87 -16.11 17.23 -13.74
CA ASN B 87 -17.56 17.34 -13.56
C ASN B 87 -17.89 18.40 -12.51
N THR B 88 -17.82 19.66 -12.94
CA THR B 88 -17.74 20.78 -12.01
C THR B 88 -18.86 21.82 -12.18
N VAL B 89 -19.34 22.33 -11.06
CA VAL B 89 -20.29 23.44 -11.09
C VAL B 89 -19.87 24.51 -10.08
N SER B 90 -20.00 25.77 -10.49
CA SER B 90 -19.46 26.91 -9.77
C SER B 90 -20.52 27.71 -9.05
N MET B 91 -20.10 28.34 -7.96
CA MET B 91 -20.93 29.24 -7.16
C MET B 91 -20.12 30.44 -6.68
N GLY B 92 -20.59 31.66 -6.97
CA GLY B 92 -19.97 32.86 -6.45
C GLY B 92 -19.16 33.67 -7.47
N ARG B 93 -18.61 34.80 -7.03
CA ARG B 93 -17.89 35.74 -7.90
C ARG B 93 -16.54 36.16 -7.36
N GLY B 94 -16.26 35.76 -6.13
CA GLY B 94 -15.01 36.13 -5.47
C GLY B 94 -13.78 35.76 -6.28
N ASP B 95 -12.70 36.49 -6.05
CA ASP B 95 -11.49 36.32 -6.82
C ASP B 95 -10.54 35.27 -6.21
N LYS B 96 -10.97 34.62 -5.13
CA LYS B 96 -10.23 33.49 -4.56
C LYS B 96 -10.99 32.17 -4.70
N GLU B 97 -10.33 31.19 -5.30
CA GLU B 97 -10.97 29.93 -5.67
C GLU B 97 -10.92 28.84 -4.59
N VAL B 98 -12.07 28.22 -4.36
CA VAL B 98 -12.20 27.14 -3.39
C VAL B 98 -12.72 25.89 -4.09
N VAL B 99 -12.04 24.75 -3.87
CA VAL B 99 -12.41 23.51 -4.52
C VAL B 99 -12.99 22.55 -3.51
N VAL B 100 -14.13 21.94 -3.86
CA VAL B 100 -14.82 21.00 -2.98
C VAL B 100 -15.27 19.81 -3.76
N PHE B 101 -14.68 18.65 -3.46
CA PHE B 101 -15.18 17.41 -4.01
C PHE B 101 -16.34 16.99 -3.16
N VAL B 102 -17.47 16.75 -3.82
CA VAL B 102 -18.72 16.37 -3.20
C VAL B 102 -19.44 15.24 -3.92
N ASP B 103 -20.29 14.53 -3.17
CA ASP B 103 -21.26 13.57 -3.74
C ASP B 103 -22.66 14.20 -3.80
N PRO B 104 -23.45 13.90 -4.88
CA PRO B 104 -24.76 14.57 -5.02
C PRO B 104 -25.73 14.36 -3.84
N ARG B 105 -25.51 13.29 -3.08
CA ARG B 105 -26.39 12.95 -1.97
C ARG B 105 -25.77 13.12 -0.56
N CYS B 106 -24.58 13.70 -0.45
CA CYS B 106 -23.87 13.88 0.84
C CYS B 106 -24.41 15.07 1.66
N ALA B 107 -24.93 14.83 2.87
CA ALA B 107 -25.62 15.92 3.58
C ALA B 107 -24.63 16.95 4.17
N VAL B 108 -23.49 16.49 4.62
CA VAL B 108 -22.47 17.43 5.06
C VAL B 108 -22.01 18.23 3.82
N CYS B 109 -22.13 17.63 2.63
CA CYS B 109 -21.75 18.29 1.40
C CYS B 109 -22.71 19.44 1.13
N HIS B 110 -24.01 19.19 1.33
CA HIS B 110 -24.98 20.26 1.21
C HIS B 110 -24.81 21.34 2.26
N GLN B 111 -24.54 20.93 3.50
CA GLN B 111 -24.38 21.91 4.57
C GLN B 111 -23.26 22.87 4.22
N LEU B 112 -22.12 22.31 3.82
CA LEU B 112 -20.97 23.12 3.43
C LEU B 112 -21.39 24.06 2.29
N MET B 113 -22.15 23.50 1.34
CA MET B 113 -22.65 24.26 0.21
C MET B 113 -23.55 25.38 0.70
N GLY B 114 -24.32 25.11 1.76
CA GLY B 114 -25.17 26.11 2.39
C GLY B 114 -24.31 27.20 3.00
N ASP B 115 -23.30 26.78 3.76
CA ASP B 115 -22.33 27.72 4.32
C ASP B 115 -21.67 28.59 3.25
N ALA B 116 -21.43 28.03 2.07
CA ALA B 116 -20.69 28.74 1.01
C ALA B 116 -21.49 29.93 0.47
N LYS B 117 -22.80 29.88 0.68
CA LYS B 117 -23.69 30.89 0.14
C LYS B 117 -23.28 32.27 0.66
N SER B 118 -22.80 32.33 1.89
CA SER B 118 -22.50 33.61 2.54
C SER B 118 -21.16 34.21 2.14
N LEU B 119 -20.37 33.45 1.38
CA LEU B 119 -19.00 33.85 1.08
C LEU B 119 -18.83 34.15 -0.40
N VAL B 120 -19.94 34.20 -1.13
CA VAL B 120 -19.84 34.26 -2.58
C VAL B 120 -19.26 35.59 -3.07
N ASP B 121 -19.25 36.58 -2.19
CA ASP B 121 -18.65 37.87 -2.48
C ASP B 121 -17.11 37.74 -2.42
N ASP B 122 -16.64 36.88 -1.53
CA ASP B 122 -15.21 36.76 -1.23
C ASP B 122 -14.51 35.62 -1.98
N TYR B 123 -15.28 34.58 -2.30
CA TYR B 123 -14.77 33.39 -2.99
C TYR B 123 -15.65 32.98 -4.16
N THR B 124 -15.02 32.30 -5.11
CA THR B 124 -15.73 31.47 -6.08
C THR B 124 -15.49 30.00 -5.68
N PHE B 125 -16.57 29.25 -5.50
CA PHE B 125 -16.47 27.82 -5.12
C PHE B 125 -16.60 26.91 -6.32
N LYS B 126 -15.69 25.93 -6.43
CA LYS B 126 -15.76 24.94 -7.49
C LYS B 126 -16.25 23.60 -6.91
N PHE B 127 -17.53 23.28 -7.17
CA PHE B 127 -18.07 22.01 -6.68
C PHE B 127 -17.81 20.89 -7.70
N ILE B 128 -16.96 19.96 -7.30
CA ILE B 128 -16.54 18.88 -8.18
C ILE B 128 -17.22 17.59 -7.78
N VAL B 129 -18.06 17.12 -8.69
CA VAL B 129 -18.93 16.02 -8.42
C VAL B 129 -18.29 14.68 -8.78
N ILE B 130 -18.16 13.85 -7.75
CA ILE B 130 -17.72 12.47 -7.88
C ILE B 130 -18.70 11.56 -7.17
N PRO B 131 -18.91 10.36 -7.72
CA PRO B 131 -19.81 9.33 -7.19
C PRO B 131 -19.12 8.54 -6.07
N ALA B 132 -19.44 8.88 -4.81
CA ALA B 132 -18.81 8.25 -3.60
C ALA B 132 -19.81 7.41 -2.79
N LEU B 133 -21.08 7.70 -2.93
CA LEU B 133 -22.08 7.16 -2.02
C LEU B 133 -23.06 6.17 -2.71
N GLY B 134 -22.60 5.63 -3.84
CA GLY B 134 -23.27 4.54 -4.52
C GLY B 134 -23.69 4.81 -5.96
N ALA B 135 -24.53 3.91 -6.47
CA ALA B 135 -24.89 3.85 -7.89
C ALA B 135 -25.83 5.00 -8.27
N GLU B 136 -26.76 5.30 -7.38
CA GLU B 136 -27.63 6.43 -7.62
C GLU B 136 -26.80 7.74 -7.65
N SER B 137 -25.76 7.81 -6.80
CA SER B 137 -24.81 8.91 -6.87
C SER B 137 -24.04 8.86 -8.22
N ASN B 138 -23.63 7.66 -8.66
CA ASN B 138 -23.02 7.48 -9.99
C ASN B 138 -23.89 7.98 -11.15
N ARG B 139 -25.16 7.57 -11.07
CA ARG B 139 -26.18 7.86 -12.08
C ARG B 139 -26.36 9.36 -12.20
N LEU B 140 -26.52 10.03 -11.06
CA LEU B 140 -26.69 11.48 -11.01
C LEU B 140 -25.44 12.23 -11.49
N ALA B 141 -24.24 11.75 -11.17
CA ALA B 141 -23.01 12.46 -11.58
C ALA B 141 -22.89 12.44 -13.10
N LYS B 142 -23.22 11.29 -13.66
CA LYS B 142 -23.20 11.09 -15.10
C LYS B 142 -24.29 11.95 -15.79
N ASN B 143 -25.46 12.02 -15.17
N ASN B 143 -25.46 12.04 -15.19
CA ASN B 143 -26.53 12.88 -15.66
CA ASN B 143 -26.50 12.90 -15.76
C ASN B 143 -26.06 14.33 -15.66
C ASN B 143 -26.07 14.36 -15.67
N LEU B 144 -25.41 14.76 -14.58
CA LEU B 144 -24.86 16.12 -14.53
C LEU B 144 -23.83 16.24 -15.67
N TYR B 145 -22.96 15.25 -15.78
CA TYR B 145 -21.89 15.28 -16.79
C TYR B 145 -22.41 15.29 -18.26
N CYS B 146 -23.48 14.56 -18.54
CA CYS B 146 -23.98 14.41 -19.90
C CYS B 146 -25.11 15.38 -20.22
N ALA B 147 -25.34 16.36 -19.36
CA ALA B 147 -26.47 17.26 -19.55
C ALA B 147 -26.36 18.15 -20.79
N LYS B 148 -27.43 18.27 -21.56
CA LYS B 148 -27.55 19.29 -22.62
C LYS B 148 -27.52 20.71 -22.09
N ASP B 149 -28.12 20.89 -20.91
CA ASP B 149 -28.28 22.22 -20.36
C ASP B 149 -27.81 22.25 -18.91
N LYS B 150 -26.69 22.94 -18.64
CA LYS B 150 -26.13 23.08 -17.29
C LYS B 150 -26.56 24.35 -16.54
N THR B 151 -27.59 25.06 -17.03
CA THR B 151 -28.02 26.31 -16.38
C THR B 151 -28.52 26.12 -14.95
N HIS B 152 -29.36 25.12 -14.70
CA HIS B 152 -29.86 24.83 -13.35
C HIS B 152 -28.92 23.93 -12.55
N ALA B 153 -27.86 23.45 -13.20
CA ALA B 153 -26.95 22.46 -12.58
C ALA B 153 -26.61 22.71 -11.12
N LEU B 154 -26.20 23.94 -10.78
CA LEU B 154 -25.92 24.30 -9.39
C LEU B 154 -27.13 24.11 -8.49
N ASP B 155 -28.27 24.65 -8.90
CA ASP B 155 -29.43 24.57 -8.05
C ASP B 155 -29.84 23.10 -7.97
N ALA B 156 -29.76 22.44 -9.13
CA ALA B 156 -30.05 21.02 -9.24
C ALA B 156 -29.18 20.20 -8.31
N LEU B 157 -27.89 20.56 -8.19
CA LEU B 157 -26.95 19.85 -7.32
C LEU B 157 -27.34 19.94 -5.85
N MET B 158 -27.63 21.17 -5.43
CA MET B 158 -27.87 21.45 -4.04
C MET B 158 -29.23 20.97 -3.56
N ASN B 159 -30.19 21.01 -4.47
CA ASN B 159 -31.55 20.58 -4.15
C ASN B 159 -31.74 19.13 -4.54
N ASN B 160 -30.67 18.49 -5.01
CA ASN B 160 -30.73 17.09 -5.41
C ASN B 160 -31.75 16.81 -6.54
N THR B 161 -31.65 17.54 -7.65
CA THR B 161 -32.53 17.31 -8.79
C THR B 161 -31.65 17.08 -10.04
N LEU B 162 -30.43 16.56 -9.83
CA LEU B 162 -29.48 16.33 -10.95
C LEU B 162 -30.09 15.40 -11.99
N GLY B 163 -31.04 14.58 -11.51
CA GLY B 163 -31.78 13.61 -12.31
C GLY B 163 -32.77 14.22 -13.28
N SER B 164 -33.08 15.51 -13.14
CA SER B 164 -34.08 16.13 -14.00
C SER B 164 -33.46 17.01 -15.09
N LEU B 165 -32.17 16.82 -15.32
CA LEU B 165 -31.45 17.58 -16.32
C LEU B 165 -31.52 16.80 -17.62
N PRO B 166 -31.92 17.45 -18.72
CA PRO B 166 -32.04 16.80 -20.03
C PRO B 166 -30.69 16.34 -20.55
N SER B 167 -30.65 15.19 -21.19
CA SER B 167 -29.40 14.57 -21.62
C SER B 167 -29.02 14.76 -23.08
N LYS B 168 -27.71 14.82 -23.33
CA LYS B 168 -27.17 14.74 -24.68
C LYS B 168 -27.46 13.36 -25.27
N GLU B 169 -27.44 13.27 -26.59
CA GLU B 169 -27.62 11.99 -27.25
C GLU B 169 -26.47 10.94 -27.08
N THR B 170 -25.22 11.39 -26.95
CA THR B 170 -24.05 10.52 -27.21
C THR B 170 -23.19 10.24 -25.97
N CYS B 171 -23.46 10.94 -24.89
CA CYS B 171 -22.59 10.87 -23.72
C CYS B 171 -22.63 9.51 -23.00
N ASP B 172 -21.49 8.84 -22.73
CA ASP B 172 -20.13 9.10 -23.27
C ASP B 172 -19.20 7.89 -22.95
N PRO B 173 -18.96 7.59 -21.64
CA PRO B 173 -18.25 6.39 -21.20
C PRO B 173 -19.31 5.27 -21.05
N GLY B 174 -19.10 4.11 -20.41
CA GLY B 174 -17.93 3.77 -19.62
C GLY B 174 -18.21 3.80 -18.12
N GLN B 175 -18.26 2.60 -17.53
CA GLN B 175 -18.43 2.37 -16.07
C GLN B 175 -17.52 3.22 -15.18
N TYR B 176 -16.46 3.78 -15.78
CA TYR B 176 -15.41 4.44 -15.01
C TYR B 176 -15.42 5.95 -15.22
N ASP B 177 -16.11 6.61 -14.29
CA ASP B 177 -16.18 8.07 -14.19
C ASP B 177 -14.74 8.71 -14.07
N GLN B 178 -14.35 9.53 -15.04
CA GLN B 178 -13.01 10.16 -15.11
C GLN B 178 -12.63 11.01 -13.90
N THR B 179 -13.62 11.73 -13.40
CA THR B 179 -13.41 12.61 -12.29
C THR B 179 -13.10 11.72 -11.08
N LEU B 180 -13.80 10.60 -10.99
CA LEU B 180 -13.52 9.61 -9.94
C LEU B 180 -12.08 9.07 -10.12
N LEU B 181 -11.73 8.75 -11.36
CA LEU B 181 -10.38 8.26 -11.66
C LEU B 181 -9.30 9.30 -11.28
N THR B 182 -9.61 10.58 -11.51
CA THR B 182 -8.64 11.65 -11.30
C THR B 182 -8.40 11.86 -9.82
N ALA B 183 -9.52 11.98 -9.09
CA ALA B 183 -9.49 12.14 -7.65
C ALA B 183 -8.68 11.02 -7.03
N HIS B 184 -8.98 9.78 -7.41
CA HIS B 184 -8.30 8.62 -6.84
C HIS B 184 -6.79 8.69 -7.11
N PHE B 185 -6.47 9.02 -8.36
CA PHE B 185 -5.07 9.12 -8.81
C PHE B 185 -4.21 10.15 -8.03
N ILE B 186 -4.77 11.34 -7.74
CA ILE B 186 -4.07 12.45 -7.05
C ILE B 186 -4.32 12.45 -5.56
N GLY B 187 -5.02 11.41 -5.10
CA GLY B 187 -5.00 11.12 -3.69
C GLY B 187 -6.13 11.67 -2.88
N ILE B 188 -7.25 12.01 -3.50
CA ILE B 188 -8.44 12.44 -2.76
C ILE B 188 -9.08 11.27 -2.03
N GLU B 189 -9.48 11.49 -0.78
CA GLU B 189 -10.21 10.47 -0.03
C GLU B 189 -11.44 11.07 0.71
N GLY B 190 -12.61 10.53 0.39
CA GLY B 190 -13.88 10.93 1.02
C GLY B 190 -14.48 12.24 0.52
N VAL B 191 -15.72 12.51 0.93
CA VAL B 191 -16.34 13.80 0.68
C VAL B 191 -16.98 14.30 1.96
N PRO B 192 -17.04 15.62 2.14
CA PRO B 192 -16.44 16.60 1.23
C PRO B 192 -14.94 16.67 1.46
N PHE B 193 -14.23 17.05 0.40
CA PHE B 193 -12.80 17.20 0.41
C PHE B 193 -12.57 18.57 -0.13
N VAL B 194 -12.00 19.41 0.72
CA VAL B 194 -11.84 20.82 0.46
C VAL B 194 -10.41 21.20 0.25
N VAL B 195 -10.18 22.00 -0.80
CA VAL B 195 -8.89 22.63 -1.04
C VAL B 195 -9.06 24.15 -0.99
N ALA B 196 -8.38 24.77 -0.03
CA ALA B 196 -8.38 26.23 0.11
C ALA B 196 -7.63 26.88 -1.05
N PRO B 197 -7.83 28.19 -1.24
CA PRO B 197 -7.10 28.89 -2.31
C PRO B 197 -5.58 28.71 -2.23
N ASP B 198 -5.04 28.55 -1.03
CA ASP B 198 -3.60 28.35 -0.86
C ASP B 198 -3.16 26.88 -0.92
N GLY B 199 -4.08 25.95 -1.19
CA GLY B 199 -3.70 24.56 -1.39
C GLY B 199 -3.89 23.66 -0.20
N ARG B 200 -4.15 24.25 0.96
CA ARG B 200 -4.40 23.47 2.15
C ARG B 200 -5.63 22.61 1.95
N VAL B 201 -5.59 21.39 2.46
CA VAL B 201 -6.69 20.47 2.33
C VAL B 201 -7.35 20.21 3.67
N SER B 202 -8.68 20.02 3.57
CA SER B 202 -9.55 19.60 4.65
C SER B 202 -10.30 18.34 4.23
N LYS B 203 -10.02 17.24 4.91
CA LYS B 203 -10.78 16.01 4.72
C LYS B 203 -12.08 16.07 5.54
N GLY B 204 -13.13 16.68 5.02
CA GLY B 204 -14.35 16.87 5.76
C GLY B 204 -14.75 18.33 5.93
N ARG B 205 -15.94 18.56 6.47
CA ARG B 205 -16.41 19.92 6.68
C ARG B 205 -15.71 20.61 7.88
N PRO B 206 -15.02 21.74 7.64
CA PRO B 206 -14.38 22.52 8.72
C PRO B 206 -15.38 23.18 9.70
N LYS B 207 -14.91 23.35 10.93
CA LYS B 207 -15.67 23.91 12.05
C LYS B 207 -16.24 25.26 11.68
N ASN B 208 -15.35 26.11 11.17
CA ASN B 208 -15.77 27.40 10.63
C ASN B 208 -15.08 27.62 9.30
N LEU B 209 -15.90 27.61 8.25
CA LEU B 209 -15.38 27.61 6.90
C LEU B 209 -14.65 28.92 6.62
N LYS B 210 -15.27 30.06 6.91
CA LYS B 210 -14.70 31.37 6.59
C LYS B 210 -13.27 31.57 7.10
N SER B 211 -13.03 31.28 8.38
CA SER B 211 -11.70 31.44 8.99
C SER B 211 -10.67 30.44 8.43
N TRP B 212 -11.13 29.22 8.15
CA TRP B 212 -10.24 28.17 7.63
C TRP B 212 -9.71 28.54 6.25
N LEU B 213 -10.57 29.13 5.41
CA LEU B 213 -10.21 29.56 4.05
C LEU B 213 -9.17 30.69 4.00
N GLU B 214 -9.12 31.48 5.07
CA GLU B 214 -8.14 32.54 5.20
C GLU B 214 -6.77 31.93 5.58
N SER B 215 -6.75 31.17 6.67
CA SER B 215 -5.53 30.52 7.16
C SER B 215 -5.83 29.38 8.14
N ALA C 15 25.03 13.69 15.33
CA ALA C 15 24.24 14.72 14.63
C ALA C 15 22.75 14.35 14.53
N LYS C 16 21.88 15.33 14.81
CA LYS C 16 20.44 15.07 14.95
C LYS C 16 19.67 15.04 13.61
N ILE C 17 18.57 14.30 13.58
CA ILE C 17 17.59 14.45 12.52
C ILE C 17 16.57 15.51 12.92
N GLU C 18 16.63 16.63 12.20
CA GLU C 18 15.98 17.86 12.61
CA GLU C 18 15.97 17.85 12.63
C GLU C 18 14.58 17.97 12.02
N ASP C 19 14.34 17.23 10.94
CA ASP C 19 13.06 17.29 10.33
C ASP C 19 12.79 16.08 9.44
N ILE C 20 11.52 15.70 9.46
CA ILE C 20 11.02 14.51 8.78
C ILE C 20 9.68 14.85 8.11
N VAL C 21 9.51 14.44 6.87
CA VAL C 21 8.26 14.63 6.13
C VAL C 21 7.91 13.31 5.40
N GLU C 22 6.72 12.76 5.69
CA GLU C 22 6.19 11.61 4.97
C GLU C 22 5.77 12.06 3.58
N LEU C 23 6.31 11.46 2.53
CA LEU C 23 5.97 11.90 1.18
C LEU C 23 4.85 11.05 0.64
N PRO C 24 4.03 11.63 -0.27
CA PRO C 24 2.90 10.90 -0.89
C PRO C 24 3.43 9.96 -1.97
N ILE C 25 4.05 8.88 -1.53
CA ILE C 25 4.64 7.90 -2.43
C ILE C 25 4.33 6.52 -1.88
N LYS C 26 3.78 5.65 -2.72
CA LYS C 26 3.36 4.32 -2.27
C LYS C 26 4.17 3.21 -2.94
N GLY C 27 4.95 3.63 -3.93
CA GLY C 27 5.86 2.70 -4.61
C GLY C 27 6.93 3.44 -5.39
N VAL C 28 8.01 2.75 -5.68
CA VAL C 28 9.13 3.30 -6.45
C VAL C 28 9.61 2.31 -7.52
N ARG C 29 9.82 2.86 -8.72
CA ARG C 29 10.38 2.12 -9.84
CA ARG C 29 10.39 2.13 -9.85
C ARG C 29 11.81 2.60 -10.17
N ALA C 30 12.75 1.66 -10.30
CA ALA C 30 14.06 1.96 -10.85
C ALA C 30 13.89 1.94 -12.37
N VAL C 31 14.26 3.03 -13.04
CA VAL C 31 14.13 3.07 -14.50
C VAL C 31 15.42 3.52 -15.08
N GLN C 32 15.86 2.78 -16.09
CA GLN C 32 17.15 3.00 -16.73
C GLN C 32 16.90 3.61 -18.09
N SER C 33 17.55 4.75 -18.38
CA SER C 33 17.42 5.42 -19.66
C SER C 33 18.81 5.90 -20.08
N ASP C 34 19.28 5.33 -21.20
CA ASP C 34 20.59 5.62 -21.77
C ASP C 34 21.68 5.57 -20.67
N GLY C 35 21.77 4.45 -19.96
CA GLY C 35 22.84 4.27 -19.00
C GLY C 35 22.56 4.78 -17.58
N GLN C 36 21.68 5.76 -17.44
CA GLN C 36 21.39 6.29 -16.11
C GLN C 36 20.17 5.64 -15.43
N ILE C 37 20.28 5.44 -14.12
CA ILE C 37 19.22 4.84 -13.34
C ILE C 37 18.62 5.89 -12.44
N MET C 38 17.31 6.08 -12.59
CA MET C 38 16.54 7.00 -11.78
C MET C 38 15.43 6.24 -11.06
N PHE C 39 14.81 6.90 -10.09
CA PHE C 39 13.78 6.30 -9.27
C PHE C 39 12.47 7.09 -9.42
N LEU C 40 11.42 6.40 -9.85
CA LEU C 40 10.16 7.06 -10.19
C LEU C 40 9.07 6.57 -9.25
N SER C 41 8.28 7.50 -8.73
CA SER C 41 7.16 7.13 -7.86
C SER C 41 6.09 6.43 -8.67
N GLU C 42 5.17 5.75 -7.96
N GLU C 42 5.24 5.69 -7.96
CA GLU C 42 4.21 4.81 -8.57
CA GLU C 42 4.21 4.83 -8.54
C GLU C 42 3.33 5.49 -9.59
C GLU C 42 3.41 5.54 -9.62
N ASN C 43 2.83 6.68 -9.25
CA ASN C 43 1.97 7.40 -10.13
C ASN C 43 2.69 8.40 -11.07
N GLY C 44 4.03 8.34 -11.10
CA GLY C 44 4.80 9.16 -12.01
C GLY C 44 4.94 10.60 -11.57
N ARG C 45 4.52 10.92 -10.35
CA ARG C 45 4.61 12.31 -9.92
C ARG C 45 6.08 12.73 -9.63
N PHE C 46 6.84 11.89 -8.94
CA PHE C 46 8.19 12.26 -8.49
C PHE C 46 9.22 11.42 -9.14
N VAL C 47 10.35 12.07 -9.50
CA VAL C 47 11.52 11.33 -9.90
C VAL C 47 12.70 11.74 -9.00
N ILE C 48 13.40 10.73 -8.48
CA ILE C 48 14.59 10.95 -7.70
C ILE C 48 15.83 10.56 -8.51
N SER C 49 16.71 11.53 -8.73
CA SER C 49 18.04 11.32 -9.33
C SER C 49 19.09 11.20 -8.24
N GLY C 50 19.85 10.10 -8.26
CA GLY C 50 20.85 9.84 -7.23
C GLY C 50 21.17 8.36 -7.03
N GLN C 51 21.49 8.01 -5.80
CA GLN C 51 22.01 6.70 -5.48
C GLN C 51 21.25 5.99 -4.32
N ILE C 52 20.89 4.75 -4.57
CA ILE C 52 20.20 3.99 -3.52
C ILE C 52 21.13 3.03 -2.83
N TYR C 53 20.98 2.98 -1.50
CA TYR C 53 21.76 2.10 -0.66
C TYR C 53 20.83 1.19 0.17
N ASP C 54 21.19 -0.07 0.17
CA ASP C 54 20.45 -1.10 0.93
C ASP C 54 21.04 -1.23 2.28
N LEU C 55 20.37 -0.63 3.27
CA LEU C 55 20.88 -0.61 4.65
C LEU C 55 20.81 -1.97 5.32
N TRP C 56 19.93 -2.87 4.90
CA TRP C 56 19.91 -4.16 5.57
C TRP C 56 21.11 -5.03 5.15
N SER C 57 21.48 -5.03 3.89
CA SER C 57 22.63 -5.83 3.45
C SER C 57 23.93 -4.99 3.37
N LYS C 58 23.84 -3.71 3.73
CA LYS C 58 24.98 -2.76 3.68
C LYS C 58 25.67 -2.76 2.34
N LYS C 59 24.92 -2.47 1.28
CA LYS C 59 25.47 -2.41 -0.04
C LYS C 59 24.83 -1.31 -0.89
N PRO C 60 25.66 -0.61 -1.65
CA PRO C 60 25.09 0.31 -2.63
C PRO C 60 24.44 -0.50 -3.76
N LEU C 61 23.39 0.00 -4.36
CA LEU C 61 22.81 -0.70 -5.51
C LEU C 61 23.05 0.18 -6.72
N ASN C 62 23.83 -0.32 -7.66
CA ASN C 62 24.31 0.51 -8.75
C ASN C 62 23.94 0.01 -10.13
N THR C 63 23.50 -1.25 -10.22
CA THR C 63 23.11 -1.85 -11.49
C THR C 63 21.66 -2.30 -11.42
N MET C 64 21.05 -2.43 -12.59
CA MET C 64 19.68 -2.91 -12.70
C MET C 64 19.59 -4.36 -12.26
N SER C 65 20.70 -5.09 -12.43
CA SER C 65 20.80 -6.47 -11.99
C SER C 65 20.69 -6.49 -10.45
N GLN C 66 21.31 -5.53 -9.79
CA GLN C 66 21.15 -5.37 -8.35
C GLN C 66 19.78 -4.88 -7.91
N MET C 67 19.11 -4.03 -8.69
CA MET C 67 17.73 -3.63 -8.37
C MET C 67 16.80 -4.86 -8.39
N ARG C 68 16.99 -5.63 -9.46
CA ARG C 68 16.23 -6.83 -9.68
C ARG C 68 16.45 -7.80 -8.53
N ASP C 69 17.67 -7.85 -8.03
CA ASP C 69 17.98 -8.78 -6.95
C ASP C 69 17.15 -8.46 -5.70
N VAL C 70 17.03 -7.18 -5.34
CA VAL C 70 16.28 -6.87 -4.11
C VAL C 70 14.79 -7.02 -4.35
N ALA C 71 14.35 -6.95 -5.61
CA ALA C 71 12.94 -7.14 -5.92
C ALA C 71 12.52 -8.62 -5.90
N GLU C 72 13.45 -9.50 -6.24
CA GLU C 72 13.15 -10.91 -6.53
C GLU C 72 13.71 -11.89 -5.49
N ARG C 73 14.67 -11.46 -4.69
CA ARG C 73 15.42 -12.38 -3.83
C ARG C 73 15.57 -11.90 -2.40
N ILE C 74 15.78 -12.86 -1.51
CA ILE C 74 16.02 -12.57 -0.12
C ILE C 74 17.25 -13.34 0.27
N HIS C 75 18.27 -12.61 0.73
CA HIS C 75 19.58 -13.18 1.08
C HIS C 75 19.75 -13.07 2.58
N PHE C 76 19.31 -14.10 3.30
CA PHE C 76 19.19 -13.99 4.77
C PHE C 76 20.51 -13.64 5.48
N LYS C 77 21.58 -14.36 5.20
CA LYS C 77 22.80 -14.03 5.91
C LYS C 77 23.43 -12.74 5.42
N SER C 78 23.32 -12.38 4.15
CA SER C 78 23.75 -11.04 3.73
C SER C 78 23.04 -9.96 4.50
N MET C 79 21.82 -10.24 4.94
CA MET C 79 21.07 -9.19 5.64
C MET C 79 21.20 -9.38 7.15
N GLY C 80 22.04 -10.31 7.59
CA GLY C 80 22.29 -10.44 9.02
C GLY C 80 21.18 -11.13 9.77
N MET C 81 20.46 -11.98 9.06
CA MET C 81 19.33 -12.72 9.63
C MET C 81 19.62 -14.19 9.72
N ASP C 82 19.66 -14.68 10.95
CA ASP C 82 19.77 -16.10 11.25
C ASP C 82 18.36 -16.76 11.52
N VAL C 83 17.87 -17.58 10.60
CA VAL C 83 16.51 -18.11 10.72
C VAL C 83 16.38 -19.10 11.85
N ASP C 84 17.52 -19.61 12.34
CA ASP C 84 17.47 -20.54 13.47
C ASP C 84 17.09 -19.84 14.78
N THR C 85 17.15 -18.51 14.80
CA THR C 85 16.72 -17.75 15.97
C THR C 85 15.17 -17.67 16.04
N LEU C 86 14.49 -18.05 14.96
CA LEU C 86 13.04 -17.95 14.89
C LEU C 86 12.38 -19.24 15.34
N ASN C 87 11.04 -19.30 15.23
CA ASN C 87 10.28 -20.48 15.62
C ASN C 87 10.43 -21.51 14.52
N THR C 88 11.56 -22.20 14.51
CA THR C 88 12.00 -22.95 13.33
C THR C 88 12.13 -24.45 13.57
N VAL C 89 11.80 -25.24 12.55
CA VAL C 89 12.06 -26.68 12.63
C VAL C 89 12.73 -27.14 11.36
N SER C 90 13.75 -27.97 11.52
CA SER C 90 14.63 -28.34 10.42
C SER C 90 14.40 -29.76 9.95
N MET C 91 14.62 -29.97 8.65
CA MET C 91 14.54 -31.29 8.07
C MET C 91 15.60 -31.48 6.99
N GLY C 92 16.38 -32.55 7.12
CA GLY C 92 17.35 -32.96 6.11
C GLY C 92 18.76 -32.63 6.53
N ARG C 93 19.76 -33.00 5.70
CA ARG C 93 21.19 -32.74 6.01
C ARG C 93 21.98 -32.20 4.80
N GLY C 94 21.34 -32.05 3.64
CA GLY C 94 22.02 -31.53 2.45
C GLY C 94 22.66 -30.19 2.76
N ASP C 95 23.72 -29.83 2.05
CA ASP C 95 24.52 -28.64 2.39
C ASP C 95 24.03 -27.35 1.74
N LYS C 96 22.88 -27.42 1.08
CA LYS C 96 22.21 -26.25 0.55
C LYS C 96 20.94 -26.01 1.35
N GLU C 97 20.82 -24.78 1.88
CA GLU C 97 19.75 -24.46 2.79
C GLU C 97 18.49 -23.87 2.09
N VAL C 98 17.33 -24.41 2.43
CA VAL C 98 16.06 -23.95 1.85
C VAL C 98 15.15 -23.47 2.94
N VAL C 99 14.60 -22.29 2.78
CA VAL C 99 13.78 -21.71 3.82
C VAL C 99 12.30 -21.69 3.39
N VAL C 100 11.42 -22.14 4.26
CA VAL C 100 9.97 -22.17 3.93
C VAL C 100 9.16 -21.67 5.11
N PHE C 101 8.52 -20.50 4.93
CA PHE C 101 7.56 -19.99 5.90
C PHE C 101 6.22 -20.72 5.71
N VAL C 102 5.71 -21.31 6.78
CA VAL C 102 4.46 -22.09 6.76
C VAL C 102 3.58 -21.69 7.93
N ASP C 103 2.27 -21.82 7.75
CA ASP C 103 1.31 -21.74 8.86
C ASP C 103 0.98 -23.15 9.29
N PRO C 104 0.82 -23.38 10.59
CA PRO C 104 0.60 -24.77 11.05
C PRO C 104 -0.64 -25.42 10.48
N ARG C 105 -1.64 -24.64 10.04
CA ARG C 105 -2.90 -25.24 9.58
C ARG C 105 -3.01 -25.26 8.07
N CYS C 106 -1.94 -24.83 7.39
CA CYS C 106 -1.93 -24.71 5.96
C CYS C 106 -1.63 -26.03 5.24
N ALA C 107 -2.63 -26.57 4.52
CA ALA C 107 -2.55 -27.90 3.98
C ALA C 107 -1.59 -27.94 2.82
N VAL C 108 -1.54 -26.85 2.06
CA VAL C 108 -0.61 -26.75 0.97
C VAL C 108 0.81 -26.72 1.53
N CYS C 109 0.95 -26.10 2.69
CA CYS C 109 2.24 -26.07 3.32
C CYS C 109 2.60 -27.50 3.73
N HIS C 110 1.63 -28.28 4.24
CA HIS C 110 1.93 -29.66 4.63
C HIS C 110 2.38 -30.51 3.45
N GLN C 111 1.72 -30.30 2.31
CA GLN C 111 2.09 -30.96 1.09
C GLN C 111 3.51 -30.63 0.65
N LEU C 112 3.84 -29.37 0.73
CA LEU C 112 5.17 -28.92 0.34
C LEU C 112 6.18 -29.65 1.20
N MET C 113 5.89 -29.74 2.49
CA MET C 113 6.76 -30.38 3.44
C MET C 113 6.94 -31.85 3.05
N GLY C 114 5.89 -32.50 2.54
CA GLY C 114 6.00 -33.87 2.09
C GLY C 114 6.94 -34.05 0.91
N ASP C 115 6.75 -33.22 -0.11
CA ASP C 115 7.64 -33.18 -1.27
C ASP C 115 9.08 -32.97 -0.85
N ALA C 116 9.28 -32.24 0.23
CA ALA C 116 10.64 -31.97 0.72
C ALA C 116 11.32 -33.20 1.28
N LYS C 117 10.56 -34.19 1.77
CA LYS C 117 11.15 -35.37 2.40
C LYS C 117 12.10 -36.12 1.48
N SER C 118 11.76 -36.11 0.20
CA SER C 118 12.47 -36.89 -0.80
C SER C 118 13.78 -36.19 -1.20
N LEU C 119 13.99 -34.99 -0.67
CA LEU C 119 15.09 -34.13 -1.10
C LEU C 119 16.11 -33.86 0.01
N VAL C 120 16.03 -34.58 1.11
CA VAL C 120 16.87 -34.27 2.26
C VAL C 120 18.38 -34.54 1.99
N ASP C 121 18.72 -35.32 0.95
CA ASP C 121 20.13 -35.56 0.68
C ASP C 121 20.82 -34.32 0.13
N ASP C 122 20.09 -33.53 -0.66
CA ASP C 122 20.66 -32.37 -1.34
C ASP C 122 20.33 -31.08 -0.63
N TYR C 123 19.24 -31.05 0.14
CA TYR C 123 18.89 -29.82 0.86
C TYR C 123 18.65 -30.08 2.33
N THR C 124 18.89 -29.05 3.12
CA THR C 124 18.36 -28.96 4.48
C THR C 124 17.27 -27.89 4.49
N PHE C 125 16.08 -28.27 4.96
CA PHE C 125 14.91 -27.37 4.99
C PHE C 125 14.73 -26.72 6.33
N LYS C 126 14.48 -25.42 6.32
CA LYS C 126 14.16 -24.63 7.51
C LYS C 126 12.68 -24.21 7.44
N PHE C 127 11.82 -24.92 8.16
CA PHE C 127 10.40 -24.58 8.18
C PHE C 127 10.13 -23.58 9.27
N ILE C 128 9.81 -22.38 8.85
CA ILE C 128 9.60 -21.28 9.75
C ILE C 128 8.09 -21.08 9.95
N VAL C 129 7.67 -21.35 11.18
CA VAL C 129 6.27 -21.44 11.54
C VAL C 129 5.73 -20.07 11.93
N ILE C 130 4.77 -19.58 11.14
CA ILE C 130 4.12 -18.32 11.47
C ILE C 130 2.62 -18.50 11.56
N PRO C 131 2.05 -17.95 12.64
CA PRO C 131 0.61 -18.06 12.74
C PRO C 131 -0.03 -16.92 12.00
N ALA C 132 -0.11 -17.07 10.69
CA ALA C 132 -0.61 -16.01 9.85
C ALA C 132 -2.12 -16.10 9.64
N LEU C 133 -2.70 -17.28 9.92
CA LEU C 133 -4.08 -17.54 9.52
C LEU C 133 -5.03 -17.60 10.69
N GLY C 134 -4.71 -16.97 11.82
CA GLY C 134 -5.73 -16.80 12.84
C GLY C 134 -5.46 -17.42 14.18
N ALA C 135 -6.47 -17.49 15.03
CA ALA C 135 -6.26 -17.79 16.44
C ALA C 135 -5.82 -19.21 16.72
N GLU C 136 -6.38 -20.17 16.01
CA GLU C 136 -5.95 -21.55 16.20
C GLU C 136 -4.49 -21.76 15.72
N SER C 137 -4.14 -21.11 14.63
CA SER C 137 -2.76 -21.12 14.12
C SER C 137 -1.80 -20.57 15.20
N ASN C 138 -2.21 -19.50 15.87
CA ASN C 138 -1.44 -18.99 17.01
C ASN C 138 -1.25 -20.03 18.08
N ARG C 139 -2.34 -20.70 18.44
CA ARG C 139 -2.29 -21.67 19.51
C ARG C 139 -1.30 -22.76 19.12
N LEU C 140 -1.39 -23.21 17.90
CA LEU C 140 -0.48 -24.26 17.46
C LEU C 140 1.00 -23.77 17.40
N ALA C 141 1.22 -22.55 16.94
CA ALA C 141 2.58 -22.03 16.81
C ALA C 141 3.20 -21.94 18.18
N LYS C 142 2.34 -21.53 19.12
CA LYS C 142 2.76 -21.39 20.49
C LYS C 142 3.13 -22.73 21.13
N ASN C 143 2.37 -23.80 20.85
CA ASN C 143 2.70 -25.16 21.35
C ASN C 143 4.05 -25.60 20.84
N LEU C 144 4.32 -25.36 19.56
CA LEU C 144 5.63 -25.71 19.02
C LEU C 144 6.72 -24.95 19.73
N TYR C 145 6.50 -23.65 19.91
CA TYR C 145 7.52 -22.81 20.52
C TYR C 145 7.78 -23.26 21.95
N CYS C 146 6.72 -23.60 22.66
CA CYS C 146 6.82 -23.99 24.07
C CYS C 146 6.87 -25.50 24.32
N ALA C 147 7.17 -26.28 23.28
CA ALA C 147 7.18 -27.75 23.44
C ALA C 147 8.17 -28.26 24.45
N LYS C 148 7.74 -29.19 25.28
CA LYS C 148 8.61 -29.87 26.22
C LYS C 148 9.72 -30.63 25.49
N ASP C 149 9.38 -31.20 24.33
CA ASP C 149 10.30 -32.07 23.58
C ASP C 149 10.30 -31.73 22.08
N LYS C 150 11.44 -31.30 21.56
CA LYS C 150 11.50 -30.87 20.15
C LYS C 150 11.81 -31.99 19.14
N THR C 151 12.03 -33.22 19.62
CA THR C 151 12.36 -34.33 18.72
C THR C 151 11.19 -34.68 17.77
N HIS C 152 9.96 -34.69 18.26
CA HIS C 152 8.81 -35.02 17.40
C HIS C 152 8.19 -33.78 16.73
N ALA C 153 8.66 -32.58 17.10
CA ALA C 153 8.14 -31.31 16.53
C ALA C 153 7.98 -31.29 15.03
N LEU C 154 9.00 -31.75 14.32
CA LEU C 154 8.89 -31.81 12.87
C LEU C 154 7.63 -32.61 12.49
N ASP C 155 7.45 -33.77 13.13
CA ASP C 155 6.35 -34.70 12.82
C ASP C 155 4.99 -34.10 13.15
N ALA C 156 4.95 -33.45 14.30
CA ALA C 156 3.75 -32.76 14.75
C ALA C 156 3.39 -31.68 13.72
N LEU C 157 4.40 -30.95 13.26
CA LEU C 157 4.16 -29.90 12.30
C LEU C 157 3.62 -30.47 11.01
N MET C 158 4.27 -31.50 10.51
CA MET C 158 3.93 -32.00 9.19
C MET C 158 2.57 -32.72 9.14
N ASN C 159 2.24 -33.38 10.23
CA ASN C 159 0.99 -34.15 10.25
CA ASN C 159 1.02 -34.17 10.30
C ASN C 159 -0.08 -33.48 11.12
N ASN C 160 0.10 -32.18 11.39
CA ASN C 160 -0.92 -31.34 12.05
C ASN C 160 -1.37 -31.85 13.42
N THR C 161 -0.43 -32.11 14.35
CA THR C 161 -0.74 -32.59 15.71
C THR C 161 -0.08 -31.68 16.76
N LEU C 162 0.24 -30.44 16.37
CA LEU C 162 0.87 -29.48 17.29
C LEU C 162 0.01 -29.22 18.51
N GLY C 163 -1.31 -29.42 18.37
CA GLY C 163 -2.24 -29.12 19.44
C GLY C 163 -2.10 -30.08 20.60
N SER C 164 -1.50 -31.23 20.35
CA SER C 164 -1.32 -32.22 21.37
C SER C 164 0.16 -32.42 21.71
N LEU C 165 0.97 -31.45 21.36
CA LEU C 165 2.36 -31.56 21.66
C LEU C 165 2.42 -30.98 23.08
N PRO C 166 2.89 -31.76 24.04
CA PRO C 166 2.85 -31.11 25.37
C PRO C 166 3.82 -29.94 25.52
N SER C 167 3.27 -28.91 26.16
CA SER C 167 3.86 -27.60 26.34
C SER C 167 4.55 -27.45 27.69
N LYS C 168 5.60 -26.63 27.74
CA LYS C 168 6.17 -26.26 29.03
C LYS C 168 5.11 -25.49 29.80
N GLU C 169 5.06 -25.76 31.08
CA GLU C 169 4.15 -25.06 31.96
C GLU C 169 4.69 -23.64 32.17
N THR C 170 3.83 -22.63 32.04
CA THR C 170 4.18 -21.20 32.17
C THR C 170 4.73 -20.56 30.86
N CYS C 171 5.08 -21.38 29.87
CA CYS C 171 5.66 -20.83 28.65
C CYS C 171 4.63 -20.07 27.83
N ASP C 172 4.90 -18.80 27.49
CA ASP C 172 3.96 -17.98 26.69
C ASP C 172 4.65 -16.76 26.04
N PRO C 173 4.70 -16.71 24.68
CA PRO C 173 5.21 -15.58 23.87
C PRO C 173 4.20 -14.45 23.44
N GLY C 174 2.90 -14.52 23.76
CA GLY C 174 2.11 -13.30 23.92
C GLY C 174 1.10 -12.80 22.88
N GLN C 175 1.05 -13.48 21.74
CA GLN C 175 0.14 -13.21 20.59
C GLN C 175 0.83 -12.43 19.51
N TYR C 176 1.90 -11.70 19.85
CA TYR C 176 2.60 -10.96 18.81
C TYR C 176 3.91 -11.70 18.70
N ASP C 177 3.72 -12.81 18.00
CA ASP C 177 4.72 -13.78 17.65
C ASP C 177 5.89 -13.10 16.93
N GLN C 178 7.07 -13.20 17.51
CA GLN C 178 8.27 -12.60 16.95
C GLN C 178 8.56 -13.12 15.55
N THR C 179 8.27 -14.40 15.31
CA THR C 179 8.54 -14.96 14.01
C THR C 179 7.63 -14.30 12.99
N LEU C 180 6.35 -14.13 13.35
CA LEU C 180 5.37 -13.45 12.52
C LEU C 180 5.77 -12.01 12.24
N LEU C 181 6.12 -11.29 13.29
CA LEU C 181 6.57 -9.92 13.11
C LEU C 181 7.78 -9.84 12.18
N THR C 182 8.69 -10.80 12.25
CA THR C 182 9.88 -10.75 11.43
C THR C 182 9.52 -11.05 10.01
N ALA C 183 8.74 -12.11 9.82
CA ALA C 183 8.31 -12.47 8.47
C ALA C 183 7.59 -11.27 7.79
N HIS C 184 6.68 -10.67 8.52
CA HIS C 184 5.92 -9.56 7.97
C HIS C 184 6.85 -8.36 7.66
N PHE C 185 7.76 -8.05 8.57
CA PHE C 185 8.68 -6.91 8.39
C PHE C 185 9.53 -7.04 7.13
N ILE C 186 10.02 -8.23 6.83
CA ILE C 186 10.93 -8.40 5.70
C ILE C 186 10.23 -8.76 4.39
N GLY C 187 8.90 -8.80 4.38
CA GLY C 187 8.18 -8.86 3.13
C GLY C 187 7.70 -10.23 2.74
N ILE C 188 7.65 -11.15 3.69
CA ILE C 188 7.05 -12.45 3.41
C ILE C 188 5.55 -12.21 3.19
N GLU C 189 4.97 -12.76 2.14
CA GLU C 189 3.55 -12.58 1.86
C GLU C 189 2.89 -13.90 1.50
N GLY C 190 1.88 -14.28 2.27
CA GLY C 190 1.15 -15.51 2.02
C GLY C 190 1.93 -16.68 2.57
N VAL C 191 1.31 -17.85 2.56
CA VAL C 191 1.99 -19.10 2.87
C VAL C 191 1.54 -20.17 1.93
N PRO C 192 2.43 -21.10 1.58
CA PRO C 192 3.84 -21.14 1.97
C PRO C 192 4.63 -20.13 1.19
N PHE C 193 5.78 -19.75 1.73
CA PHE C 193 6.64 -18.80 1.07
C PHE C 193 8.02 -19.38 1.08
N VAL C 194 8.54 -19.62 -0.12
CA VAL C 194 9.78 -20.33 -0.32
C VAL C 194 10.93 -19.40 -0.75
N VAL C 195 12.09 -19.61 -0.11
CA VAL C 195 13.36 -18.97 -0.49
C VAL C 195 14.38 -20.07 -0.80
N ALA C 196 14.82 -20.13 -2.05
CA ALA C 196 15.86 -21.07 -2.50
C ALA C 196 17.22 -20.69 -1.88
N PRO C 197 18.18 -21.61 -1.96
CA PRO C 197 19.53 -21.33 -1.50
C PRO C 197 20.19 -20.10 -2.13
N ASP C 198 19.85 -19.79 -3.39
CA ASP C 198 20.43 -18.66 -4.12
C ASP C 198 19.62 -17.38 -3.92
N GLY C 199 18.62 -17.46 -3.05
CA GLY C 199 17.84 -16.29 -2.70
C GLY C 199 16.50 -16.17 -3.41
N ARG C 200 16.30 -16.91 -4.49
CA ARG C 200 15.04 -16.81 -5.24
C ARG C 200 13.81 -17.15 -4.38
N VAL C 201 12.74 -16.39 -4.58
CA VAL C 201 11.52 -16.60 -3.80
C VAL C 201 10.39 -17.17 -4.62
N SER C 202 9.58 -17.99 -3.97
CA SER C 202 8.32 -18.48 -4.53
C SER C 202 7.19 -18.14 -3.57
N LYS C 203 6.35 -17.25 -4.01
CA LYS C 203 5.18 -16.89 -3.26
C LYS C 203 4.10 -17.97 -3.53
N GLY C 204 4.22 -19.05 -2.79
CA GLY C 204 3.36 -20.19 -2.98
C GLY C 204 4.18 -21.43 -3.23
N ARG C 205 3.49 -22.57 -3.26
CA ARG C 205 4.13 -23.84 -3.54
C ARG C 205 4.53 -23.95 -5.02
N PRO C 206 5.83 -24.13 -5.30
CA PRO C 206 6.13 -24.25 -6.73
C PRO C 206 5.56 -25.53 -7.32
N LYS C 207 5.23 -25.46 -8.61
CA LYS C 207 4.68 -26.60 -9.38
C LYS C 207 5.57 -27.82 -9.30
N ASN C 208 6.86 -27.59 -9.48
CA ASN C 208 7.88 -28.63 -9.31
C ASN C 208 9.00 -28.11 -8.42
N LEU C 209 8.99 -28.61 -7.19
CA LEU C 209 9.85 -28.10 -6.15
C LEU C 209 11.30 -28.40 -6.51
N LYS C 210 11.54 -29.66 -6.84
CA LYS C 210 12.88 -30.11 -7.06
C LYS C 210 13.56 -29.27 -8.13
N SER C 211 12.95 -29.15 -9.30
CA SER C 211 13.57 -28.39 -10.40
C SER C 211 13.64 -26.89 -10.08
N TRP C 212 12.62 -26.40 -9.39
CA TRP C 212 12.60 -24.99 -9.05
C TRP C 212 13.78 -24.63 -8.13
N LEU C 213 14.15 -25.52 -7.21
CA LEU C 213 15.32 -25.31 -6.34
C LEU C 213 16.67 -25.31 -7.12
N GLU C 214 16.74 -26.01 -8.23
CA GLU C 214 17.98 -26.09 -8.98
C GLU C 214 18.31 -24.74 -9.68
N SER C 215 17.37 -24.19 -10.44
CA SER C 215 17.55 -22.89 -11.11
C SER C 215 16.15 -22.35 -11.38
N ALA C 216 16.01 -21.04 -11.62
CA ALA C 216 17.05 -20.14 -12.13
C ALA C 216 18.23 -19.82 -11.18
N ALA D 15 -9.91 -28.12 11.87
CA ALA D 15 -9.33 -28.80 10.71
C ALA D 15 -8.38 -27.89 9.91
N LYS D 16 -7.97 -28.37 8.74
CA LYS D 16 -6.89 -27.73 7.97
C LYS D 16 -7.45 -26.54 7.20
N ILE D 17 -6.58 -25.57 6.86
CA ILE D 17 -6.95 -24.59 5.82
C ILE D 17 -6.54 -25.18 4.46
N GLU D 18 -7.53 -25.53 3.66
CA GLU D 18 -7.32 -26.30 2.44
CA GLU D 18 -7.30 -26.30 2.43
C GLU D 18 -6.81 -25.42 1.31
N ASP D 19 -7.17 -24.15 1.35
CA ASP D 19 -6.82 -23.28 0.23
C ASP D 19 -6.79 -21.84 0.64
N ILE D 20 -5.93 -21.07 -0.02
CA ILE D 20 -5.73 -19.67 0.30
C ILE D 20 -5.56 -18.85 -0.98
N VAL D 21 -6.23 -17.70 -1.09
CA VAL D 21 -6.05 -16.84 -2.25
C VAL D 21 -5.90 -15.39 -1.77
N GLU D 22 -4.79 -14.78 -2.15
CA GLU D 22 -4.53 -13.38 -1.92
C GLU D 22 -5.37 -12.59 -2.90
N LEU D 23 -6.20 -11.69 -2.40
CA LEU D 23 -7.11 -10.94 -3.26
C LEU D 23 -6.54 -9.61 -3.66
N PRO D 24 -6.96 -9.08 -4.83
CA PRO D 24 -6.48 -7.79 -5.30
C PRO D 24 -7.20 -6.66 -4.60
N ILE D 25 -6.90 -6.53 -3.32
CA ILE D 25 -7.51 -5.54 -2.45
C ILE D 25 -6.42 -4.82 -1.65
N LYS D 26 -6.39 -3.48 -1.66
CA LYS D 26 -5.33 -2.72 -0.98
C LYS D 26 -5.84 -1.91 0.22
N GLY D 27 -7.17 -1.81 0.31
CA GLY D 27 -7.82 -1.07 1.41
C GLY D 27 -9.28 -1.55 1.53
N VAL D 28 -9.86 -1.38 2.72
CA VAL D 28 -11.24 -1.74 3.02
C VAL D 28 -11.84 -0.61 3.79
N ARG D 29 -13.01 -0.20 3.35
CA ARG D 29 -13.83 0.79 4.04
C ARG D 29 -15.08 0.09 4.61
N ALA D 30 -15.43 0.43 5.83
CA ALA D 30 -16.69 0.05 6.38
C ALA D 30 -17.69 1.06 5.86
N VAL D 31 -18.78 0.59 5.26
CA VAL D 31 -19.79 1.48 4.73
C VAL D 31 -21.16 1.09 5.28
N GLN D 32 -21.89 2.08 5.72
CA GLN D 32 -23.14 1.88 6.34
C GLN D 32 -24.23 2.37 5.40
N SER D 33 -25.16 1.45 5.10
CA SER D 33 -26.31 1.69 4.23
C SER D 33 -27.55 0.93 4.77
N ASP D 34 -28.65 1.64 4.95
CA ASP D 34 -29.91 1.09 5.53
C ASP D 34 -29.61 0.29 6.79
N GLY D 35 -28.84 0.86 7.71
CA GLY D 35 -28.59 0.21 8.99
C GLY D 35 -27.50 -0.85 8.99
N GLN D 36 -27.28 -1.52 7.85
CA GLN D 36 -26.17 -2.51 7.84
C GLN D 36 -24.85 -2.02 7.24
N ILE D 37 -23.83 -2.64 7.82
CA ILE D 37 -22.46 -2.31 7.55
C ILE D 37 -21.82 -3.37 6.66
N MET D 38 -21.27 -2.88 5.53
CA MET D 38 -20.54 -3.68 4.55
C MET D 38 -19.06 -3.18 4.38
N PHE D 39 -18.25 -3.99 3.76
CA PHE D 39 -16.82 -3.70 3.62
C PHE D 39 -16.47 -3.64 2.14
N LEU D 40 -16.04 -2.45 1.74
CA LEU D 40 -15.83 -2.11 0.36
C LEU D 40 -14.35 -1.90 0.06
N SER D 41 -13.85 -2.50 -1.02
CA SER D 41 -12.46 -2.36 -1.41
C SER D 41 -12.20 -0.92 -1.92
N GLU D 42 -10.91 -0.56 -1.99
CA GLU D 42 -10.43 0.83 -2.15
C GLU D 42 -10.85 1.43 -3.46
N ASN D 43 -10.88 0.63 -4.52
CA ASN D 43 -11.36 1.09 -5.79
C ASN D 43 -12.85 0.74 -6.04
N GLY D 44 -13.55 0.25 -5.00
CA GLY D 44 -15.00 -0.06 -5.14
C GLY D 44 -15.31 -1.34 -5.94
N ARG D 45 -14.29 -2.10 -6.30
CA ARG D 45 -14.55 -3.31 -7.11
C ARG D 45 -15.28 -4.42 -6.32
N PHE D 46 -14.90 -4.61 -5.05
CA PHE D 46 -15.43 -5.69 -4.25
C PHE D 46 -16.17 -5.18 -3.04
N VAL D 47 -17.29 -5.86 -2.75
CA VAL D 47 -18.00 -5.64 -1.48
C VAL D 47 -18.23 -6.99 -0.77
N ILE D 48 -17.91 -6.98 0.51
CA ILE D 48 -18.11 -8.10 1.39
C ILE D 48 -19.22 -7.77 2.38
N SER D 49 -20.29 -8.59 2.32
CA SER D 49 -21.44 -8.57 3.25
C SER D 49 -21.21 -9.58 4.38
N GLY D 50 -21.31 -9.18 5.63
CA GLY D 50 -21.07 -10.12 6.71
C GLY D 50 -20.62 -9.41 7.95
N GLN D 51 -19.84 -10.12 8.77
CA GLN D 51 -19.46 -9.64 10.11
CA GLN D 51 -19.46 -9.64 10.10
C GLN D 51 -17.92 -9.62 10.28
N ILE D 52 -17.37 -8.51 10.77
CA ILE D 52 -15.92 -8.42 11.02
C ILE D 52 -15.60 -8.62 12.53
N TYR D 53 -14.57 -9.40 12.78
CA TYR D 53 -14.11 -9.68 14.13
C TYR D 53 -12.64 -9.24 14.26
N ASP D 54 -12.35 -8.56 15.36
CA ASP D 54 -11.00 -8.09 15.65
C ASP D 54 -10.29 -9.13 16.52
N LEU D 55 -9.40 -9.90 15.89
CA LEU D 55 -8.69 -10.97 16.55
C LEU D 55 -7.67 -10.47 17.59
N TRP D 56 -7.12 -9.27 17.46
CA TRP D 56 -6.13 -8.79 18.44
C TRP D 56 -6.80 -8.42 19.76
N SER D 57 -7.96 -7.76 19.66
CA SER D 57 -8.69 -7.42 20.88
C SER D 57 -9.80 -8.46 21.18
N LYS D 58 -9.96 -9.44 20.30
CA LYS D 58 -10.96 -10.53 20.46
C LYS D 58 -12.38 -10.02 20.69
N LYS D 59 -12.87 -9.24 19.75
CA LYS D 59 -14.20 -8.72 19.85
C LYS D 59 -14.79 -8.50 18.46
N PRO D 60 -16.11 -8.77 18.33
CA PRO D 60 -16.81 -8.50 17.07
C PRO D 60 -16.96 -7.02 16.93
N LEU D 61 -16.96 -6.52 15.72
CA LEU D 61 -17.25 -5.10 15.52
C LEU D 61 -18.56 -4.97 14.73
N ASN D 62 -19.54 -4.29 15.34
CA ASN D 62 -20.94 -4.23 14.89
C ASN D 62 -21.53 -2.83 14.63
N THR D 63 -20.86 -1.78 15.11
CA THR D 63 -21.30 -0.40 14.95
C THR D 63 -20.22 0.45 14.21
N MET D 64 -20.65 1.54 13.59
CA MET D 64 -19.75 2.43 12.93
C MET D 64 -18.83 3.09 13.96
N SER D 65 -19.28 3.19 15.22
CA SER D 65 -18.42 3.71 16.29
C SER D 65 -17.24 2.77 16.59
N GLN D 66 -17.49 1.46 16.56
CA GLN D 66 -16.41 0.51 16.72
C GLN D 66 -15.49 0.55 15.51
N MET D 67 -16.02 0.82 14.32
CA MET D 67 -15.12 0.93 13.15
C MET D 67 -14.16 2.11 13.34
N ARG D 68 -14.70 3.24 13.75
CA ARG D 68 -13.92 4.45 13.99
C ARG D 68 -12.95 4.20 15.10
N ASP D 69 -13.34 3.43 16.12
CA ASP D 69 -12.41 3.16 17.18
C ASP D 69 -11.15 2.42 16.66
N VAL D 70 -11.30 1.41 15.80
CA VAL D 70 -10.11 0.71 15.36
C VAL D 70 -9.35 1.51 14.31
N ALA D 71 -10.00 2.46 13.63
CA ALA D 71 -9.29 3.35 12.72
C ALA D 71 -8.51 4.48 13.42
N GLU D 72 -8.99 4.91 14.57
CA GLU D 72 -8.51 6.15 15.18
C GLU D 72 -7.68 5.90 16.44
N ARG D 73 -7.82 4.71 17.04
CA ARG D 73 -7.27 4.46 18.38
C ARG D 73 -6.55 3.14 18.45
N ILE D 74 -5.63 3.06 19.42
CA ILE D 74 -4.86 1.87 19.77
C ILE D 74 -4.96 1.69 21.31
N HIS D 75 -5.47 0.53 21.72
CA HIS D 75 -5.73 0.16 23.10
C HIS D 75 -4.82 -0.99 23.40
N PHE D 76 -3.62 -0.66 23.87
CA PHE D 76 -2.55 -1.63 24.03
C PHE D 76 -2.99 -2.81 24.94
N LYS D 77 -3.58 -2.53 26.09
CA LYS D 77 -3.91 -3.61 27.00
C LYS D 77 -5.06 -4.49 26.46
N SER D 78 -6.08 -3.88 25.87
CA SER D 78 -7.13 -4.67 25.23
C SER D 78 -6.58 -5.58 24.15
N MET D 79 -5.48 -5.19 23.51
CA MET D 79 -4.99 -6.03 22.41
C MET D 79 -3.91 -6.99 22.95
N GLY D 80 -3.71 -7.00 24.26
CA GLY D 80 -2.75 -7.92 24.84
C GLY D 80 -1.30 -7.45 24.64
N MET D 81 -1.09 -6.14 24.53
CA MET D 81 0.23 -5.57 24.31
C MET D 81 0.71 -4.82 25.55
N ASP D 82 1.78 -5.36 26.13
CA ASP D 82 2.45 -4.76 27.27
C ASP D 82 3.70 -3.95 26.82
N VAL D 83 3.62 -2.63 26.91
CA VAL D 83 4.69 -1.80 26.37
C VAL D 83 5.95 -1.86 27.23
N ASP D 84 5.84 -2.35 28.44
CA ASP D 84 7.00 -2.44 29.30
C ASP D 84 7.96 -3.54 28.82
N THR D 85 7.53 -4.43 27.94
CA THR D 85 8.41 -5.47 27.42
C THR D 85 9.30 -4.98 26.28
N LEU D 86 9.05 -3.76 25.80
CA LEU D 86 9.77 -3.18 24.69
C LEU D 86 10.93 -2.32 25.17
N ASN D 87 11.63 -1.70 24.21
CA ASN D 87 12.78 -0.82 24.51
C ASN D 87 12.24 0.54 24.91
N THR D 88 11.88 0.61 26.19
CA THR D 88 11.01 1.64 26.73
C THR D 88 11.62 2.34 27.90
N VAL D 89 11.38 3.64 28.02
CA VAL D 89 11.80 4.39 29.21
C VAL D 89 10.68 5.31 29.74
N SER D 90 10.54 5.33 31.06
CA SER D 90 9.42 6.00 31.71
C SER D 90 9.83 7.34 32.28
N MET D 91 8.90 8.27 32.22
CA MET D 91 9.09 9.59 32.74
C MET D 91 7.77 10.03 33.31
N GLY D 92 7.78 10.38 34.59
CA GLY D 92 6.60 10.89 35.25
C GLY D 92 6.09 9.87 36.24
N ARG D 93 5.07 10.28 36.99
CA ARG D 93 4.63 9.52 38.15
C ARG D 93 3.11 9.36 38.16
N GLY D 94 2.45 10.12 37.28
CA GLY D 94 1.01 10.14 37.11
C GLY D 94 0.38 8.80 36.81
N ASP D 95 -0.93 8.68 37.08
CA ASP D 95 -1.69 7.44 36.91
C ASP D 95 -2.33 7.26 35.52
N LYS D 96 -2.05 8.17 34.60
CA LYS D 96 -2.49 8.03 33.20
C LYS D 96 -1.30 7.79 32.27
N GLU D 97 -1.36 6.68 31.55
CA GLU D 97 -0.26 6.24 30.75
C GLU D 97 -0.35 6.89 29.38
N VAL D 98 0.77 7.47 28.96
CA VAL D 98 0.90 8.07 27.65
C VAL D 98 2.03 7.39 26.92
N VAL D 99 1.76 6.95 25.70
CA VAL D 99 2.75 6.21 24.93
C VAL D 99 3.26 7.06 23.78
N VAL D 100 4.58 7.13 23.67
CA VAL D 100 5.22 7.91 22.62
C VAL D 100 6.34 7.12 21.96
N PHE D 101 6.13 6.76 20.70
CA PHE D 101 7.18 6.19 19.87
C PHE D 101 8.06 7.29 19.35
N VAL D 102 9.36 7.11 19.59
CA VAL D 102 10.37 8.08 19.23
C VAL D 102 11.59 7.41 18.62
N ASP D 103 12.31 8.16 17.79
CA ASP D 103 13.64 7.76 17.30
C ASP D 103 14.72 8.51 18.09
N PRO D 104 15.84 7.84 18.39
CA PRO D 104 16.86 8.52 19.19
C PRO D 104 17.38 9.80 18.54
N ARG D 105 17.32 9.93 17.22
CA ARG D 105 17.96 11.09 16.55
C ARG D 105 16.93 12.15 16.14
N CYS D 106 15.68 11.90 16.51
CA CYS D 106 14.57 12.76 16.14
C CYS D 106 14.44 13.93 17.13
N ALA D 107 14.74 15.13 16.63
CA ALA D 107 14.80 16.36 17.41
C ALA D 107 13.39 16.82 17.78
N VAL D 108 12.47 16.60 16.87
CA VAL D 108 11.06 16.88 17.13
C VAL D 108 10.55 15.99 18.29
N CYS D 109 11.07 14.77 18.36
CA CYS D 109 10.72 13.86 19.44
C CYS D 109 11.28 14.40 20.78
N HIS D 110 12.52 14.92 20.74
CA HIS D 110 13.19 15.53 21.93
C HIS D 110 12.42 16.73 22.48
N GLN D 111 11.89 17.56 21.59
CA GLN D 111 11.04 18.68 21.98
C GLN D 111 9.84 18.25 22.78
N LEU D 112 9.15 17.26 22.19
CA LEU D 112 7.94 16.72 22.78
C LEU D 112 8.28 16.20 24.16
N MET D 113 9.42 15.52 24.28
CA MET D 113 9.85 14.99 25.57
C MET D 113 10.07 16.09 26.60
N GLY D 114 10.57 17.24 26.14
CA GLY D 114 10.78 18.41 26.99
C GLY D 114 9.47 18.98 27.49
N ASP D 115 8.53 19.14 26.56
CA ASP D 115 7.16 19.57 26.89
C ASP D 115 6.54 18.65 27.93
N ALA D 116 6.86 17.36 27.80
CA ALA D 116 6.31 16.33 28.68
C ALA D 116 6.86 16.40 30.11
N LYS D 117 8.02 17.05 30.30
CA LYS D 117 8.64 17.16 31.63
C LYS D 117 7.68 17.86 32.60
N SER D 118 6.90 18.77 32.04
CA SER D 118 6.00 19.62 32.80
C SER D 118 4.68 18.92 33.20
N LEU D 119 4.48 17.70 32.71
CA LEU D 119 3.20 17.00 32.88
C LEU D 119 3.34 15.75 33.74
N VAL D 120 4.49 15.60 34.38
CA VAL D 120 4.81 14.38 35.10
C VAL D 120 3.89 14.19 36.32
N ASP D 121 3.15 15.24 36.67
CA ASP D 121 2.21 15.17 37.78
C ASP D 121 1.02 14.26 37.51
N ASP D 122 0.50 14.34 36.29
CA ASP D 122 -0.75 13.69 35.91
C ASP D 122 -0.53 12.40 35.09
N TYR D 123 0.58 12.37 34.37
CA TYR D 123 0.85 11.27 33.46
C TYR D 123 2.17 10.59 33.73
N THR D 124 2.22 9.32 33.35
CA THR D 124 3.47 8.61 33.19
C THR D 124 3.69 8.42 31.67
N PHE D 125 4.83 8.90 31.18
CA PHE D 125 5.12 8.78 29.76
C PHE D 125 5.97 7.54 29.47
N LYS D 126 5.54 6.74 28.49
CA LYS D 126 6.28 5.56 28.06
C LYS D 126 6.92 5.84 26.73
N PHE D 127 8.19 6.16 26.74
CA PHE D 127 8.91 6.46 25.54
C PHE D 127 9.45 5.20 24.95
N ILE D 128 8.89 4.85 23.81
CA ILE D 128 9.24 3.62 23.16
C ILE D 128 10.20 3.93 22.01
N VAL D 129 11.43 3.46 22.19
CA VAL D 129 12.54 3.79 21.33
C VAL D 129 12.57 2.80 20.17
N ILE D 130 12.47 3.33 18.96
CA ILE D 130 12.56 2.53 17.75
C ILE D 130 13.59 3.13 16.79
N PRO D 131 14.45 2.30 16.20
CA PRO D 131 15.40 2.86 15.23
C PRO D 131 14.81 2.82 13.82
N ALA D 132 13.99 3.83 13.53
CA ALA D 132 13.25 3.93 12.29
C ALA D 132 14.02 4.75 11.25
N LEU D 133 15.05 5.49 11.65
CA LEU D 133 15.73 6.44 10.74
C LEU D 133 17.15 6.05 10.37
N GLY D 134 17.50 4.78 10.40
CA GLY D 134 18.77 4.36 9.82
C GLY D 134 19.74 3.74 10.80
N ALA D 135 20.99 3.61 10.36
CA ALA D 135 21.99 2.80 11.07
C ALA D 135 22.52 3.42 12.34
N GLU D 136 22.68 4.74 12.33
CA GLU D 136 23.12 5.41 13.55
C GLU D 136 21.99 5.36 14.60
N SER D 137 20.72 5.48 14.16
CA SER D 137 19.59 5.29 15.03
C SER D 137 19.57 3.87 15.61
N ASN D 138 19.84 2.87 14.77
CA ASN D 138 19.99 1.49 15.26
C ASN D 138 21.02 1.34 16.34
N ARG D 139 22.17 1.93 16.12
CA ARG D 139 23.26 1.77 17.04
C ARG D 139 22.86 2.30 18.43
N LEU D 140 22.28 3.52 18.45
CA LEU D 140 21.90 4.16 19.70
C LEU D 140 20.81 3.40 20.44
N ALA D 141 19.81 2.87 19.73
CA ALA D 141 18.72 2.12 20.37
C ALA D 141 19.27 0.84 21.00
N LYS D 142 20.19 0.18 20.28
CA LYS D 142 20.79 -1.06 20.74
C LYS D 142 21.61 -0.83 21.99
N ASN D 143 22.29 0.30 22.07
CA ASN D 143 23.06 0.69 23.26
C ASN D 143 22.17 0.84 24.49
N LEU D 144 21.01 1.44 24.30
CA LEU D 144 20.03 1.58 25.36
C LEU D 144 19.54 0.22 25.85
N TYR D 145 19.25 -0.64 24.89
CA TYR D 145 18.78 -1.98 25.19
C TYR D 145 19.81 -2.83 25.94
N CYS D 146 21.08 -2.73 25.58
CA CYS D 146 22.12 -3.55 26.18
C CYS D 146 22.80 -2.87 27.35
N ALA D 147 22.26 -1.73 27.77
CA ALA D 147 22.89 -0.91 28.82
C ALA D 147 22.96 -1.58 30.19
N LYS D 148 24.12 -1.50 30.83
CA LYS D 148 24.22 -1.90 32.23
C LYS D 148 23.33 -1.03 33.11
N ASP D 149 23.31 0.28 32.85
CA ASP D 149 22.69 1.24 33.78
C ASP D 149 21.59 2.13 33.17
N LYS D 150 20.34 1.80 33.49
CA LYS D 150 19.16 2.48 32.93
C LYS D 150 18.64 3.65 33.79
N THR D 151 19.33 3.97 34.87
CA THR D 151 18.89 5.06 35.74
C THR D 151 18.95 6.41 35.03
N HIS D 152 20.04 6.64 34.31
CA HIS D 152 20.22 7.89 33.58
C HIS D 152 19.64 7.81 32.16
N ALA D 153 19.21 6.61 31.76
CA ALA D 153 18.69 6.31 30.41
C ALA D 153 17.76 7.37 29.82
N LEU D 154 16.84 7.88 30.62
CA LEU D 154 15.97 8.96 30.18
C LEU D 154 16.75 10.17 29.66
N ASP D 155 17.72 10.61 30.47
CA ASP D 155 18.46 11.81 30.17
C ASP D 155 19.29 11.66 28.90
N ALA D 156 19.91 10.49 28.76
CA ALA D 156 20.70 10.16 27.58
C ALA D 156 19.84 10.21 26.32
N LEU D 157 18.59 9.75 26.45
CA LEU D 157 17.66 9.72 25.34
C LEU D 157 17.35 11.13 24.88
N MET D 158 17.03 12.01 25.84
CA MET D 158 16.56 13.35 25.50
C MET D 158 17.67 14.26 24.98
N ASN D 159 18.88 14.02 25.47
CA ASN D 159 20.05 14.78 25.05
C ASN D 159 20.86 14.07 23.95
N ASN D 160 20.37 12.94 23.47
CA ASN D 160 21.05 12.22 22.39
C ASN D 160 22.47 11.82 22.73
N THR D 161 22.66 11.14 23.87
CA THR D 161 23.99 10.72 24.31
C THR D 161 24.03 9.23 24.64
N LEU D 162 23.09 8.48 24.06
CA LEU D 162 22.94 7.07 24.34
C LEU D 162 24.22 6.29 24.06
N GLY D 163 25.03 6.81 23.15
CA GLY D 163 26.25 6.15 22.74
C GLY D 163 27.29 6.05 23.83
N SER D 164 27.14 6.86 24.88
CA SER D 164 28.12 6.87 25.95
C SER D 164 27.54 6.13 27.15
N LEU D 165 26.57 5.26 26.88
CA LEU D 165 25.99 4.47 27.94
C LEU D 165 26.74 3.14 28.03
N PRO D 166 27.32 2.85 29.21
CA PRO D 166 28.09 1.60 29.29
C PRO D 166 27.23 0.37 29.12
N SER D 167 27.72 -0.59 28.33
CA SER D 167 26.93 -1.74 27.91
C SER D 167 27.14 -2.97 28.77
N LYS D 168 26.10 -3.79 28.89
CA LYS D 168 26.22 -5.09 29.52
C LYS D 168 27.12 -6.01 28.70
N GLU D 169 27.96 -6.79 29.37
CA GLU D 169 28.65 -7.91 28.76
C GLU D 169 27.63 -9.08 28.83
N THR D 170 27.37 -9.84 27.77
CA THR D 170 27.86 -9.64 26.42
C THR D 170 26.63 -9.65 25.54
N CYS D 171 25.93 -8.53 25.56
CA CYS D 171 24.65 -8.34 24.89
C CYS D 171 24.74 -8.28 23.37
N ASP D 172 23.90 -9.07 22.71
CA ASP D 172 23.62 -8.86 21.28
C ASP D 172 22.25 -9.43 20.93
N PRO D 173 21.27 -8.53 20.68
CA PRO D 173 19.88 -8.89 20.32
C PRO D 173 19.64 -9.07 18.83
N GLY D 174 20.64 -8.80 18.02
CA GLY D 174 20.50 -8.98 16.60
C GLY D 174 20.29 -7.67 15.89
N GLN D 175 20.52 -7.73 14.60
CA GLN D 175 20.43 -6.60 13.70
C GLN D 175 18.99 -6.04 13.46
N TYR D 176 17.95 -6.79 13.83
CA TYR D 176 16.53 -6.40 13.64
C TYR D 176 15.80 -6.13 14.96
N ASP D 177 15.71 -4.85 15.32
CA ASP D 177 15.11 -4.41 16.59
C ASP D 177 13.64 -4.89 16.76
N GLN D 178 13.37 -5.68 17.79
CA GLN D 178 12.05 -6.22 18.04
C GLN D 178 11.00 -5.15 18.38
N THR D 179 11.43 -4.07 19.02
CA THR D 179 10.51 -2.99 19.35
C THR D 179 10.10 -2.29 18.05
N LEU D 180 11.04 -2.09 17.13
CA LEU D 180 10.66 -1.58 15.81
C LEU D 180 9.75 -2.50 15.06
N LEU D 181 10.06 -3.79 15.07
CA LEU D 181 9.22 -4.75 14.36
C LEU D 181 7.80 -4.74 14.90
N THR D 182 7.67 -4.53 16.20
CA THR D 182 6.35 -4.55 16.82
C THR D 182 5.57 -3.30 16.39
N ALA D 183 6.24 -2.16 16.48
CA ALA D 183 5.64 -0.87 16.11
C ALA D 183 5.16 -0.94 14.66
N HIS D 184 5.99 -1.47 13.78
CA HIS D 184 5.62 -1.54 12.37
C HIS D 184 4.41 -2.44 12.16
N PHE D 185 4.41 -3.59 12.84
CA PHE D 185 3.33 -4.54 12.74
C PHE D 185 2.00 -3.94 13.20
N ILE D 186 1.97 -3.18 14.28
CA ILE D 186 0.68 -2.72 14.82
C ILE D 186 0.25 -1.38 14.28
N GLY D 187 1.01 -0.84 13.31
CA GLY D 187 0.58 0.30 12.53
C GLY D 187 1.14 1.66 12.92
N ILE D 188 2.19 1.68 13.71
CA ILE D 188 2.88 2.91 14.02
C ILE D 188 3.51 3.39 12.75
N GLU D 189 3.33 4.68 12.45
CA GLU D 189 3.86 5.33 11.26
C GLU D 189 4.48 6.65 11.59
N GLY D 190 5.75 6.78 11.25
CA GLY D 190 6.49 8.01 11.44
C GLY D 190 6.87 8.16 12.91
N VAL D 191 7.68 9.16 13.21
CA VAL D 191 7.98 9.52 14.58
C VAL D 191 7.97 11.02 14.70
N PRO D 192 7.54 11.55 15.85
CA PRO D 192 7.02 10.79 16.96
C PRO D 192 5.59 10.30 16.67
N PHE D 193 5.16 9.26 17.37
CA PHE D 193 3.78 8.77 17.25
C PHE D 193 3.24 8.68 18.66
N VAL D 194 2.14 9.40 18.92
CA VAL D 194 1.62 9.55 20.26
C VAL D 194 0.32 8.75 20.46
N VAL D 195 0.22 8.06 21.59
CA VAL D 195 -1.04 7.43 21.96
C VAL D 195 -1.51 7.97 23.31
N ALA D 196 -2.65 8.67 23.28
CA ALA D 196 -3.26 9.17 24.50
C ALA D 196 -3.77 8.02 25.40
N PRO D 197 -4.03 8.32 26.69
CA PRO D 197 -4.56 7.37 27.68
C PRO D 197 -5.86 6.74 27.23
N ASP D 198 -6.70 7.49 26.51
CA ASP D 198 -7.96 6.95 26.01
C ASP D 198 -7.79 6.27 24.64
N GLY D 199 -6.57 6.26 24.11
CA GLY D 199 -6.25 5.55 22.87
C GLY D 199 -6.09 6.35 21.59
N ARG D 200 -6.54 7.61 21.60
CA ARG D 200 -6.42 8.43 20.40
C ARG D 200 -4.98 8.54 19.96
N VAL D 201 -4.78 8.49 18.65
CA VAL D 201 -3.41 8.54 18.11
C VAL D 201 -3.12 9.86 17.46
N SER D 202 -1.86 10.26 17.54
CA SER D 202 -1.36 11.39 16.80
C SER D 202 -0.16 10.97 15.98
N LYS D 203 -0.36 10.95 14.67
CA LYS D 203 0.73 10.73 13.74
C LYS D 203 1.54 12.02 13.53
N GLY D 204 2.45 12.27 14.45
CA GLY D 204 3.25 13.47 14.48
C GLY D 204 2.96 14.18 15.78
N ARG D 205 3.80 15.14 16.12
CA ARG D 205 3.66 15.91 17.37
C ARG D 205 2.44 16.82 17.22
N PRO D 206 1.48 16.72 18.16
CA PRO D 206 0.32 17.59 17.99
C PRO D 206 0.70 19.05 18.24
N LYS D 207 0.00 19.97 17.57
CA LYS D 207 0.30 21.38 17.71
C LYS D 207 0.29 21.79 19.18
N ASN D 208 -0.74 21.40 19.92
CA ASN D 208 -0.77 21.65 21.35
C ASN D 208 -1.09 20.37 22.09
N LEU D 209 -0.09 19.95 22.86
CA LEU D 209 -0.06 18.66 23.52
C LEU D 209 -0.99 18.48 24.69
N LYS D 210 -0.84 19.35 25.69
CA LYS D 210 -1.61 19.20 26.94
C LYS D 210 -3.09 19.16 26.61
N SER D 211 -3.50 20.06 25.74
CA SER D 211 -4.89 20.11 25.33
C SER D 211 -5.21 18.87 24.51
N TRP D 212 -4.27 18.44 23.68
CA TRP D 212 -4.57 17.28 22.84
C TRP D 212 -4.81 16.06 23.72
N LEU D 213 -4.00 15.93 24.76
CA LEU D 213 -4.13 14.83 25.71
C LEU D 213 -5.46 14.89 26.46
N GLU D 214 -6.04 16.09 26.55
CA GLU D 214 -7.32 16.30 27.22
C GLU D 214 -8.50 15.80 26.36
N SER D 215 -8.62 16.28 25.13
CA SER D 215 -9.63 15.80 24.18
C SER D 215 -9.26 16.26 22.77
C1 BU2 E . 7.03 3.84 9.23
O1 BU2 E . 6.05 3.09 8.53
C2 BU2 E . 7.88 3.29 10.37
C3 BU2 E . 7.28 3.31 11.75
O3 BU2 E . 7.45 2.10 12.39
C4 BU2 E . 7.82 4.45 12.58
HC11 BU2 E . 7.74 4.15 8.48
HC12 BU2 E . 6.55 4.73 9.60
HO1 BU2 E . 5.67 3.68 7.72
HC21 BU2 E . 8.16 2.29 10.14
HC22 BU2 E . 8.78 3.89 10.43
HC3 BU2 E . 6.21 3.47 11.64
HO3 BU2 E . 6.72 2.00 13.18
HC41 BU2 E . 8.77 4.15 13.01
HC42 BU2 E . 7.12 4.68 13.37
HC43 BU2 E . 7.97 5.31 11.96
C1 BU2 F . -1.21 14.24 -1.58
O1 BU2 F . -0.53 13.92 -2.73
C2 BU2 F . -2.34 15.19 -1.72
C3 BU2 F . -3.16 15.49 -0.52
O3 BU2 F . -3.63 14.32 0.02
C4 BU2 F . -2.31 16.19 0.48
HC11 BU2 F . -0.51 14.65 -0.87
HC12 BU2 F . -1.61 13.32 -1.16
HO1 BU2 F . -1.22 13.52 -3.47
HC21 BU2 F . -3.01 14.79 -2.47
HC22 BU2 F . -1.95 16.13 -2.09
HC3 BU2 F . -4.00 16.12 -0.79
HO3 BU2 F . -4.06 14.51 0.99
HC41 BU2 F . -2.83 17.05 0.87
HC42 BU2 F . -1.40 16.53 0.01
HC43 BU2 F . -2.06 15.53 1.29
C1 BU2 G . 1.63 -11.12 4.29
O1 BU2 G . 0.95 -9.86 4.30
C2 BU2 G . 1.31 -12.33 5.16
C3 BU2 G . 2.30 -13.11 6.00
O3 BU2 G . 3.04 -14.05 5.24
C4 BU2 G . 3.23 -12.21 6.78
HC11 BU2 G . 2.65 -10.89 4.50
HC12 BU2 G . 1.60 -11.47 3.27
HO1 BU2 G . -0.09 -10.01 4.09
HC21 BU2 G . 0.82 -13.04 4.51
HC22 BU2 G . 0.55 -11.99 5.85
HC3 BU2 G . 1.72 -13.67 6.73
HO3 BU2 G . 2.87 -15.04 5.63
HC41 BU2 G . 2.66 -11.47 7.31
HC42 BU2 G . 3.91 -11.73 6.10
HC43 BU2 G . 3.80 -12.80 7.48
#